data_8GAA
#
_entry.id   8GAA
#
_entity_poly.entity_id   1
_entity_poly.type   'polypeptide(L)'
_entity_poly.pdbx_seq_one_letter_code
;MEEKIKELEEKVEELVKEALEKKDPAVLKKALVCVYEMKKLGMPNEKLIELLKKLVEVLKKLALERVDPAVLDLALVCVY
EMKELGMPNEELIKLLKELVEVLRILALINVDPAVLDKALVCVYLMKELGMPNEELIKLLEELVEVLRILALIRVDKRVL
DKAEVCIEEMEELGMPEEKIKELREELKFVREILDKIGSWLEHHHHHH
;
_entity_poly.pdbx_strand_id   A,C,E,G,I,K
#
# COMPACT_ATOMS: atom_id res chain seq x y z
N MET A 1 -32.09 29.89 -23.98
CA MET A 1 -31.84 29.05 -22.79
C MET A 1 -32.62 27.73 -22.77
N GLU A 2 -33.95 27.74 -22.99
CA GLU A 2 -34.83 26.56 -22.78
C GLU A 2 -34.47 25.33 -23.61
N GLU A 3 -33.85 25.52 -24.77
CA GLU A 3 -33.35 24.42 -25.61
C GLU A 3 -32.30 23.59 -24.87
N LYS A 4 -31.29 24.23 -24.28
CA LYS A 4 -30.31 23.57 -23.44
C LYS A 4 -30.97 22.86 -22.27
N ILE A 5 -31.96 23.50 -21.63
CA ILE A 5 -32.66 22.89 -20.50
C ILE A 5 -33.32 21.57 -20.94
N LYS A 6 -34.07 21.56 -22.05
CA LYS A 6 -34.66 20.31 -22.56
C LYS A 6 -33.57 19.29 -22.90
N GLU A 7 -32.50 19.69 -23.54
CA GLU A 7 -31.38 18.80 -23.85
C GLU A 7 -30.67 18.26 -22.61
N LEU A 8 -30.60 19.04 -21.54
CA LEU A 8 -30.05 18.61 -20.27
C LEU A 8 -31.00 17.64 -19.55
N GLU A 9 -32.32 17.87 -19.61
CA GLU A 9 -33.29 16.87 -19.17
C GLU A 9 -33.12 15.57 -19.98
N GLU A 10 -32.96 15.64 -21.29
CA GLU A 10 -32.69 14.47 -22.13
C GLU A 10 -31.40 13.76 -21.75
N LYS A 11 -30.33 14.51 -21.43
CA LYS A 11 -29.11 13.91 -20.92
C LYS A 11 -29.38 13.16 -19.63
N VAL A 12 -30.04 13.78 -18.65
CA VAL A 12 -30.41 13.12 -17.36
C VAL A 12 -31.21 11.85 -17.62
N GLU A 13 -32.22 11.90 -18.49
CA GLU A 13 -33.00 10.74 -18.90
C GLU A 13 -32.14 9.64 -19.53
N GLU A 14 -31.32 9.96 -20.52
CA GLU A 14 -30.44 9.00 -21.17
C GLU A 14 -29.48 8.35 -20.19
N LEU A 15 -28.91 9.17 -19.29
CA LEU A 15 -27.95 8.72 -18.30
C LEU A 15 -28.62 7.84 -17.24
N VAL A 16 -29.84 8.13 -16.80
CA VAL A 16 -30.58 7.21 -15.89
C VAL A 16 -30.75 5.85 -16.51
N LYS A 17 -31.19 5.81 -17.77
CA LYS A 17 -31.36 4.58 -18.53
C LYS A 17 -30.06 3.78 -18.63
N GLU A 18 -28.96 4.45 -18.95
CA GLU A 18 -27.64 3.82 -19.05
C GLU A 18 -27.09 3.36 -17.68
N ALA A 19 -27.25 4.18 -16.65
CA ALA A 19 -26.71 3.92 -15.30
C ALA A 19 -27.31 2.64 -14.72
N LEU A 20 -28.62 2.44 -14.88
CA LEU A 20 -29.29 1.23 -14.39
C LEU A 20 -28.69 -0.06 -15.00
N GLU A 21 -28.15 0.00 -16.22
CA GLU A 21 -27.47 -1.11 -16.87
C GLU A 21 -26.01 -1.23 -16.46
N LYS A 22 -25.28 -0.12 -16.32
CA LYS A 22 -23.86 -0.08 -15.93
C LYS A 22 -23.63 -0.22 -14.40
N LYS A 23 -24.64 -0.03 -13.57
CA LYS A 23 -24.57 -0.17 -12.11
C LYS A 23 -23.55 0.72 -11.40
N ASP A 24 -23.18 1.85 -12.01
CA ASP A 24 -22.11 2.73 -11.48
C ASP A 24 -22.54 4.21 -11.34
N PRO A 25 -22.25 4.89 -10.22
CA PRO A 25 -22.65 6.27 -10.00
C PRO A 25 -21.97 7.26 -10.93
N ALA A 26 -20.86 6.94 -11.60
CA ALA A 26 -20.20 7.88 -12.55
C ALA A 26 -21.16 8.39 -13.64
N VAL A 27 -22.00 7.52 -14.18
CA VAL A 27 -23.07 7.88 -15.10
C VAL A 27 -24.00 8.90 -14.46
N LEU A 28 -24.41 8.70 -13.21
CA LEU A 28 -25.23 9.70 -12.53
C LEU A 28 -24.47 10.95 -12.06
N LYS A 29 -23.14 10.91 -11.88
CA LYS A 29 -22.38 12.13 -11.65
C LYS A 29 -22.51 13.07 -12.84
N LYS A 30 -22.34 12.58 -14.07
CA LYS A 30 -22.65 13.32 -15.29
C LYS A 30 -24.06 13.89 -15.26
N ALA A 31 -25.03 13.11 -14.79
CA ALA A 31 -26.39 13.63 -14.68
C ALA A 31 -26.52 14.78 -13.68
N LEU A 32 -25.89 14.69 -12.49
CA LEU A 32 -25.83 15.82 -11.57
C LEU A 32 -25.11 17.02 -12.16
N VAL A 33 -24.01 16.85 -12.92
CA VAL A 33 -23.41 17.99 -13.63
C VAL A 33 -24.44 18.73 -14.50
N CYS A 34 -25.24 17.98 -15.25
CA CYS A 34 -26.35 18.50 -16.05
C CYS A 34 -27.47 19.14 -15.18
N VAL A 35 -27.81 18.59 -14.02
CA VAL A 35 -28.75 19.20 -13.08
C VAL A 35 -28.23 20.53 -12.58
N TYR A 36 -26.95 20.59 -12.20
CA TYR A 36 -26.35 21.84 -11.74
C TYR A 36 -26.23 22.86 -12.89
N GLU A 37 -25.99 22.41 -14.11
CA GLU A 37 -26.05 23.30 -15.29
C GLU A 37 -27.48 23.87 -15.47
N MET A 38 -28.53 23.05 -15.37
CA MET A 38 -29.89 23.55 -15.46
C MET A 38 -30.20 24.54 -14.35
N LYS A 39 -29.75 24.29 -13.12
CA LYS A 39 -29.88 25.25 -12.02
C LYS A 39 -29.15 26.55 -12.36
N LYS A 40 -27.91 26.49 -12.86
CA LYS A 40 -27.14 27.70 -13.23
C LYS A 40 -27.83 28.50 -14.33
N LEU A 41 -28.42 27.83 -15.32
CA LEU A 41 -29.23 28.49 -16.35
C LEU A 41 -30.46 29.16 -15.76
N GLY A 42 -31.10 28.53 -14.77
CA GLY A 42 -32.36 28.95 -14.17
C GLY A 42 -33.52 28.12 -14.75
N MET A 43 -34.26 27.47 -13.87
CA MET A 43 -35.28 26.47 -14.17
C MET A 43 -36.33 26.45 -13.05
N PRO A 44 -37.59 26.02 -13.24
CA PRO A 44 -38.59 25.97 -12.17
C PRO A 44 -38.08 25.15 -10.98
N ASN A 45 -38.13 25.73 -9.77
CA ASN A 45 -37.49 25.11 -8.61
C ASN A 45 -38.11 23.75 -8.32
N GLU A 46 -39.41 23.61 -8.52
CA GLU A 46 -40.16 22.36 -8.41
C GLU A 46 -39.66 21.34 -9.45
N LYS A 47 -39.43 21.75 -10.69
CA LYS A 47 -38.84 20.82 -11.69
C LYS A 47 -37.45 20.35 -11.23
N LEU A 48 -36.61 21.25 -10.70
CA LEU A 48 -35.30 20.86 -10.16
C LEU A 48 -35.47 19.89 -8.97
N ILE A 49 -36.42 20.13 -8.07
CA ILE A 49 -36.76 19.19 -6.98
C ILE A 49 -37.18 17.81 -7.54
N GLU A 50 -38.07 17.77 -8.53
CA GLU A 50 -38.50 16.50 -9.10
C GLU A 50 -37.38 15.82 -9.88
N LEU A 51 -36.51 16.52 -10.58
CA LEU A 51 -35.29 15.96 -11.18
C LEU A 51 -34.41 15.33 -10.11
N LEU A 52 -34.20 16.02 -8.98
CA LEU A 52 -33.44 15.49 -7.85
C LEU A 52 -34.12 14.21 -7.33
N LYS A 53 -35.44 14.19 -7.14
CA LYS A 53 -36.17 12.95 -6.83
C LYS A 53 -35.92 11.86 -7.85
N LYS A 54 -36.03 12.17 -9.13
CA LYS A 54 -35.76 11.23 -10.24
C LYS A 54 -34.34 10.69 -10.25
N LEU A 55 -33.41 11.26 -9.48
CA LEU A 55 -32.11 10.65 -9.20
C LEU A 55 -32.07 9.91 -7.86
N VAL A 56 -32.55 10.48 -6.77
CA VAL A 56 -32.57 9.78 -5.48
C VAL A 56 -33.27 8.43 -5.65
N GLU A 57 -34.43 8.40 -6.28
CA GLU A 57 -35.23 7.19 -6.49
C GLU A 57 -34.65 6.24 -7.55
N VAL A 58 -33.42 6.50 -8.03
CA VAL A 58 -32.60 5.59 -8.83
C VAL A 58 -31.31 5.23 -8.09
N LEU A 59 -30.75 6.16 -7.31
CA LEU A 59 -29.58 5.92 -6.49
C LEU A 59 -29.80 4.81 -5.48
N LYS A 60 -30.98 4.69 -4.88
CA LYS A 60 -31.30 3.54 -4.01
C LYS A 60 -31.14 2.22 -4.71
N LYS A 61 -31.76 2.03 -5.88
CA LYS A 61 -31.63 0.79 -6.67
C LYS A 61 -30.17 0.49 -6.99
N LEU A 62 -29.40 1.47 -7.45
CA LEU A 62 -27.99 1.27 -7.73
C LEU A 62 -27.20 0.82 -6.50
N ALA A 63 -27.40 1.51 -5.37
CA ALA A 63 -26.72 1.24 -4.11
C ALA A 63 -27.03 -0.18 -3.57
N LEU A 64 -28.26 -0.64 -3.75
CA LEU A 64 -28.65 -2.00 -3.37
C LEU A 64 -28.08 -3.01 -4.36
N GLU A 65 -28.43 -2.91 -5.62
CA GLU A 65 -28.17 -3.96 -6.63
C GLU A 65 -26.69 -4.18 -6.87
N ARG A 66 -25.81 -3.22 -6.57
CA ARG A 66 -24.36 -3.42 -6.38
C ARG A 66 -24.01 -2.90 -4.99
N VAL A 67 -23.96 -3.81 -4.02
CA VAL A 67 -23.86 -3.42 -2.60
C VAL A 67 -22.65 -2.51 -2.32
N ASP A 68 -22.92 -1.23 -2.09
CA ASP A 68 -21.93 -0.16 -1.95
C ASP A 68 -22.51 1.10 -1.24
N PRO A 69 -21.97 1.58 -0.10
CA PRO A 69 -22.52 2.75 0.59
C PRO A 69 -22.16 4.06 -0.08
N ALA A 70 -21.05 4.16 -0.81
CA ALA A 70 -20.57 5.44 -1.31
C ALA A 70 -21.58 6.12 -2.28
N VAL A 71 -22.35 5.31 -2.99
CA VAL A 71 -23.42 5.77 -3.89
C VAL A 71 -24.42 6.64 -3.17
N LEU A 72 -24.64 6.42 -1.86
CA LEU A 72 -25.59 7.19 -1.07
C LEU A 72 -25.06 8.55 -0.63
N ASP A 73 -23.76 8.74 -0.59
CA ASP A 73 -23.17 10.01 -0.17
C ASP A 73 -23.55 11.13 -1.17
N LEU A 74 -23.42 10.84 -2.46
CA LEU A 74 -23.94 11.66 -3.56
C LEU A 74 -25.46 11.90 -3.41
N ALA A 75 -26.21 10.90 -2.94
CA ALA A 75 -27.64 11.06 -2.74
C ALA A 75 -27.93 12.03 -1.59
N LEU A 76 -27.17 11.96 -0.52
CA LEU A 76 -27.39 12.79 0.65
C LEU A 76 -27.22 14.26 0.28
N VAL A 77 -26.16 14.63 -0.44
CA VAL A 77 -26.00 16.07 -0.83
C VAL A 77 -27.16 16.59 -1.67
N CYS A 78 -27.74 15.76 -2.54
CA CYS A 78 -28.96 16.13 -3.27
C CYS A 78 -30.18 16.37 -2.36
N VAL A 79 -30.26 15.72 -1.19
CA VAL A 79 -31.31 16.01 -0.23
C VAL A 79 -31.17 17.46 0.26
N TYR A 80 -29.99 17.90 0.63
CA TYR A 80 -29.79 19.31 0.97
C TYR A 80 -30.01 20.24 -0.21
N GLU A 81 -29.75 19.82 -1.46
CA GLU A 81 -30.14 20.61 -2.61
C GLU A 81 -31.68 20.79 -2.67
N MET A 82 -32.47 19.74 -2.44
CA MET A 82 -33.92 19.90 -2.36
C MET A 82 -34.33 20.78 -1.17
N LYS A 83 -33.62 20.72 -0.03
CA LYS A 83 -33.87 21.63 1.08
C LYS A 83 -33.72 23.07 0.61
N GLU A 84 -32.61 23.41 -0.01
CA GLU A 84 -32.31 24.77 -0.41
C GLU A 84 -33.30 25.27 -1.49
N LEU A 85 -33.69 24.44 -2.45
CA LEU A 85 -34.75 24.77 -3.42
C LEU A 85 -36.14 24.93 -2.80
N GLY A 86 -36.34 24.56 -1.54
CA GLY A 86 -37.63 24.71 -0.85
C GLY A 86 -38.59 23.56 -1.04
N MET A 87 -38.10 22.33 -1.17
CA MET A 87 -38.98 21.16 -1.04
C MET A 87 -39.65 21.17 0.36
N PRO A 88 -40.95 20.81 0.49
CA PRO A 88 -41.64 20.90 1.77
C PRO A 88 -41.03 19.98 2.84
N ASN A 89 -41.09 20.41 4.12
CA ASN A 89 -40.46 19.71 5.25
C ASN A 89 -40.97 18.28 5.41
N GLU A 90 -42.26 18.03 5.22
CA GLU A 90 -42.84 16.69 5.26
C GLU A 90 -42.20 15.77 4.21
N GLU A 91 -41.95 16.27 2.99
CA GLU A 91 -41.32 15.52 1.92
C GLU A 91 -39.84 15.23 2.25
N LEU A 92 -39.09 16.17 2.82
CA LEU A 92 -37.75 15.89 3.31
C LEU A 92 -37.78 14.79 4.35
N ILE A 93 -38.68 14.86 5.34
CA ILE A 93 -38.79 13.85 6.37
C ILE A 93 -39.13 12.48 5.76
N LYS A 94 -40.01 12.43 4.76
CA LYS A 94 -40.31 11.20 4.02
C LYS A 94 -39.05 10.64 3.37
N LEU A 95 -38.36 11.44 2.57
CA LEU A 95 -37.15 11.00 1.87
C LEU A 95 -36.07 10.50 2.87
N LEU A 96 -35.83 11.22 3.93
CA LEU A 96 -34.81 10.87 4.90
C LEU A 96 -35.18 9.59 5.64
N LYS A 97 -36.43 9.40 6.07
CA LYS A 97 -36.84 8.08 6.60
C LYS A 97 -36.47 6.98 5.64
N GLU A 98 -36.83 7.15 4.36
CA GLU A 98 -36.54 6.16 3.32
C GLU A 98 -35.03 5.90 3.15
N LEU A 99 -34.19 6.94 3.06
CA LEU A 99 -32.76 6.70 2.90
C LEU A 99 -32.14 6.05 4.14
N VAL A 100 -32.63 6.37 5.34
CA VAL A 100 -32.14 5.69 6.55
C VAL A 100 -32.33 4.21 6.43
N GLU A 101 -33.47 3.78 5.87
CA GLU A 101 -33.70 2.35 5.65
C GLU A 101 -32.72 1.70 4.69
N VAL A 102 -32.28 2.35 3.59
CA VAL A 102 -31.24 1.72 2.77
C VAL A 102 -29.89 1.69 3.42
N LEU A 103 -29.54 2.66 4.25
CA LEU A 103 -28.35 2.55 5.09
C LEU A 103 -28.43 1.34 6.03
N ARG A 104 -29.54 1.24 6.75
CA ARG A 104 -29.76 0.19 7.74
C ARG A 104 -29.56 -1.19 7.13
N ILE A 105 -30.21 -1.51 6.02
CA ILE A 105 -30.01 -2.79 5.34
C ILE A 105 -28.58 -2.98 4.79
N LEU A 106 -27.99 -1.95 4.19
CA LEU A 106 -26.65 -2.10 3.58
C LEU A 106 -25.52 -2.27 4.62
N ALA A 107 -25.63 -1.57 5.74
CA ALA A 107 -24.71 -1.71 6.85
C ALA A 107 -24.70 -3.12 7.45
N LEU A 108 -25.87 -3.76 7.53
CA LEU A 108 -25.97 -5.16 7.93
C LEU A 108 -25.28 -6.03 6.91
N ILE A 109 -25.76 -6.09 5.67
CA ILE A 109 -25.28 -7.11 4.73
C ILE A 109 -23.79 -6.95 4.34
N ASN A 110 -23.24 -5.73 4.31
CA ASN A 110 -21.83 -5.54 4.02
C ASN A 110 -20.94 -5.69 5.28
N VAL A 111 -21.55 -5.87 6.45
CA VAL A 111 -20.90 -5.95 7.77
C VAL A 111 -19.92 -4.81 8.07
N ASP A 112 -20.38 -3.56 8.12
CA ASP A 112 -19.53 -2.38 8.30
C ASP A 112 -20.17 -1.29 9.17
N PRO A 113 -19.63 -0.97 10.37
CA PRO A 113 -20.23 0.01 11.26
C PRO A 113 -20.08 1.45 10.80
N ALA A 114 -19.04 1.77 10.02
CA ALA A 114 -18.76 3.16 9.67
C ALA A 114 -19.92 3.79 8.87
N VAL A 115 -20.57 2.98 8.02
CA VAL A 115 -21.72 3.42 7.23
C VAL A 115 -22.84 3.98 8.11
N LEU A 116 -23.03 3.48 9.32
CA LEU A 116 -24.05 3.95 10.26
C LEU A 116 -23.88 5.39 10.67
N ASP A 117 -22.67 5.92 10.60
CA ASP A 117 -22.47 7.33 10.97
C ASP A 117 -23.31 8.26 10.09
N LYS A 118 -23.48 7.94 8.79
CA LYS A 118 -24.41 8.68 7.93
C LYS A 118 -25.81 8.66 8.52
N ALA A 119 -26.26 7.52 9.03
CA ALA A 119 -27.61 7.41 9.59
C ALA A 119 -27.76 8.28 10.85
N LEU A 120 -26.74 8.30 11.69
CA LEU A 120 -26.81 9.15 12.89
C LEU A 120 -26.94 10.62 12.50
N VAL A 121 -26.15 11.16 11.60
CA VAL A 121 -26.30 12.57 11.19
C VAL A 121 -27.65 12.84 10.52
N CYS A 122 -28.20 11.89 9.76
CA CYS A 122 -29.56 12.01 9.20
C CYS A 122 -30.61 11.99 10.30
N VAL A 123 -30.49 11.16 11.33
CA VAL A 123 -31.41 11.18 12.47
C VAL A 123 -31.39 12.52 13.18
N TYR A 124 -30.21 13.11 13.42
CA TYR A 124 -30.14 14.47 13.97
C TYR A 124 -30.71 15.51 13.01
N LEU A 125 -30.58 15.34 11.69
CA LEU A 125 -31.23 16.25 10.74
C LEU A 125 -32.75 16.18 10.86
N MET A 126 -33.32 15.00 11.02
CA MET A 126 -34.75 14.88 11.25
C MET A 126 -35.16 15.37 12.63
N LYS A 127 -34.27 15.33 13.64
CA LYS A 127 -34.50 16.01 14.92
C LYS A 127 -34.56 17.52 14.71
N GLU A 128 -33.69 18.08 13.87
CA GLU A 128 -33.74 19.50 13.51
C GLU A 128 -35.07 19.85 12.80
N LEU A 129 -35.47 19.07 11.80
CA LEU A 129 -36.68 19.34 11.02
C LEU A 129 -37.99 18.95 11.74
N GLY A 130 -37.93 18.19 12.83
CA GLY A 130 -39.07 17.93 13.69
C GLY A 130 -39.89 16.69 13.26
N MET A 131 -39.27 15.53 12.97
CA MET A 131 -39.97 14.25 12.85
C MET A 131 -40.68 13.86 14.18
N PRO A 132 -41.82 13.13 14.18
CA PRO A 132 -42.52 12.81 15.44
C PRO A 132 -41.72 11.95 16.43
N ASN A 133 -41.82 12.19 17.73
CA ASN A 133 -40.84 11.68 18.70
C ASN A 133 -40.71 10.15 18.72
N GLU A 134 -41.82 9.43 18.65
CA GLU A 134 -41.80 7.96 18.65
C GLU A 134 -41.02 7.37 17.45
N GLU A 135 -40.98 8.10 16.34
CA GLU A 135 -40.27 7.69 15.13
C GLU A 135 -38.75 7.89 15.31
N LEU A 136 -38.30 8.91 16.05
CA LEU A 136 -36.90 9.01 16.47
C LEU A 136 -36.56 7.84 17.38
N ILE A 137 -37.40 7.57 18.40
CA ILE A 137 -37.15 6.41 19.26
C ILE A 137 -36.99 5.14 18.44
N LYS A 138 -37.83 4.95 17.40
CA LYS A 138 -37.73 3.79 16.53
C LYS A 138 -36.36 3.73 15.84
N LEU A 139 -35.97 4.77 15.10
CA LEU A 139 -34.70 4.71 14.37
C LEU A 139 -33.51 4.62 15.32
N LEU A 140 -33.57 5.22 16.50
CA LEU A 140 -32.49 5.07 17.48
C LEU A 140 -32.49 3.65 18.04
N GLU A 141 -33.61 3.06 18.40
CA GLU A 141 -33.65 1.66 18.82
C GLU A 141 -33.11 0.74 17.72
N GLU A 142 -33.54 0.94 16.48
CA GLU A 142 -33.09 0.17 15.32
C GLU A 142 -31.57 0.32 15.13
N LEU A 143 -31.04 1.54 15.17
CA LEU A 143 -29.61 1.73 14.95
C LEU A 143 -28.79 1.25 16.15
N VAL A 144 -29.33 1.34 17.36
CA VAL A 144 -28.76 0.61 18.48
C VAL A 144 -28.76 -0.90 18.16
N GLU A 145 -29.76 -1.45 17.48
CA GLU A 145 -29.76 -2.87 17.09
C GLU A 145 -28.59 -3.18 16.15
N VAL A 146 -28.43 -2.42 15.06
CA VAL A 146 -27.36 -2.73 14.10
C VAL A 146 -25.97 -2.47 14.67
N LEU A 147 -25.80 -1.47 15.53
CA LEU A 147 -24.54 -1.31 16.29
C LEU A 147 -24.32 -2.56 17.16
N ARG A 148 -25.33 -3.04 17.88
CA ARG A 148 -25.18 -4.21 18.75
C ARG A 148 -24.74 -5.42 17.93
N ILE A 149 -25.46 -5.71 16.85
CA ILE A 149 -25.12 -6.84 15.97
C ILE A 149 -23.69 -6.72 15.39
N LEU A 150 -23.31 -5.58 14.82
CA LEU A 150 -21.96 -5.46 14.27
C LEU A 150 -20.88 -5.52 15.35
N ALA A 151 -21.15 -5.02 16.55
CA ALA A 151 -20.18 -5.17 17.65
C ALA A 151 -19.95 -6.65 18.00
N LEU A 152 -20.92 -7.53 17.78
CA LEU A 152 -20.76 -8.97 17.95
C LEU A 152 -20.05 -9.60 16.74
N ILE A 153 -20.41 -9.26 15.50
CA ILE A 153 -19.80 -9.88 14.30
C ILE A 153 -18.34 -9.48 14.09
N ARG A 154 -17.99 -8.25 14.41
CA ARG A 154 -16.61 -7.77 14.35
C ARG A 154 -16.23 -7.16 15.69
N VAL A 155 -15.09 -7.56 16.23
CA VAL A 155 -14.67 -7.18 17.58
C VAL A 155 -14.03 -5.77 17.61
N ASP A 156 -14.77 -4.78 18.14
CA ASP A 156 -14.28 -3.42 18.39
C ASP A 156 -15.13 -2.75 19.49
N LYS A 157 -14.57 -2.45 20.66
CA LYS A 157 -15.34 -1.95 21.80
C LYS A 157 -16.05 -0.62 21.58
N ARG A 158 -15.55 0.24 20.68
CA ARG A 158 -16.01 1.62 20.46
C ARG A 158 -17.46 1.69 20.00
N VAL A 159 -17.89 0.71 19.23
CA VAL A 159 -19.20 0.69 18.58
C VAL A 159 -20.34 0.76 19.62
N LEU A 160 -20.16 0.17 20.80
CA LEU A 160 -21.17 0.19 21.86
C LEU A 160 -21.32 1.57 22.50
N ASP A 161 -20.27 2.38 22.58
CA ASP A 161 -20.38 3.72 23.14
C ASP A 161 -21.31 4.58 22.30
N LYS A 162 -21.21 4.50 20.97
CA LYS A 162 -22.14 5.21 20.08
C LYS A 162 -23.57 4.85 20.40
N ALA A 163 -23.84 3.57 20.57
CA ALA A 163 -25.19 3.11 20.94
C ALA A 163 -25.66 3.69 22.29
N GLU A 164 -24.76 3.76 23.25
CA GLU A 164 -25.09 4.37 24.55
C GLU A 164 -25.39 5.87 24.41
N VAL A 165 -24.65 6.59 23.57
CA VAL A 165 -25.01 7.98 23.24
C VAL A 165 -26.41 8.04 22.62
N CYS A 166 -26.75 7.10 21.71
CA CYS A 166 -28.10 7.04 21.16
C CYS A 166 -29.17 6.63 22.19
N ILE A 167 -28.81 5.87 23.21
CA ILE A 167 -29.71 5.68 24.34
C ILE A 167 -29.93 7.00 25.11
N GLU A 168 -28.90 7.81 25.35
CA GLU A 168 -29.08 9.12 25.95
C GLU A 168 -29.94 10.04 25.08
N GLU A 169 -29.93 9.92 23.74
CA GLU A 169 -30.87 10.67 22.91
C GLU A 169 -32.33 10.23 23.14
N MET A 170 -32.58 8.93 23.29
CA MET A 170 -33.91 8.42 23.61
C MET A 170 -34.33 8.87 25.03
N GLU A 171 -33.40 8.83 25.99
CA GLU A 171 -33.62 9.38 27.33
C GLU A 171 -33.95 10.89 27.31
N GLU A 172 -33.19 11.66 26.53
CA GLU A 172 -33.44 13.10 26.34
C GLU A 172 -34.79 13.39 25.70
N LEU A 173 -35.20 12.57 24.72
CA LEU A 173 -36.52 12.67 24.08
C LEU A 173 -37.63 12.17 25.00
N GLY A 174 -37.27 11.31 25.94
CA GLY A 174 -38.18 10.70 26.91
C GLY A 174 -38.73 9.35 26.46
N MET A 175 -38.44 8.29 27.21
CA MET A 175 -38.96 6.93 27.00
C MET A 175 -39.03 6.20 28.35
N PRO A 176 -39.95 5.23 28.57
CA PRO A 176 -40.01 4.45 29.82
C PRO A 176 -38.68 3.77 30.16
N GLU A 177 -38.15 4.04 31.36
CA GLU A 177 -36.77 3.68 31.72
C GLU A 177 -36.50 2.19 31.81
N GLU A 178 -37.56 1.39 31.91
CA GLU A 178 -37.50 -0.06 31.70
C GLU A 178 -36.86 -0.46 30.34
N LYS A 179 -37.23 0.20 29.24
CA LYS A 179 -36.60 -0.06 27.93
C LYS A 179 -35.13 0.36 27.93
N ILE A 180 -34.87 1.53 28.54
CA ILE A 180 -33.53 2.08 28.62
C ILE A 180 -32.61 1.08 29.34
N LYS A 181 -33.04 0.60 30.49
CA LYS A 181 -32.33 -0.39 31.29
C LYS A 181 -32.16 -1.69 30.53
N GLU A 182 -33.19 -2.22 29.84
CA GLU A 182 -33.02 -3.41 29.02
C GLU A 182 -31.91 -3.26 27.97
N LEU A 183 -31.94 -2.16 27.21
CA LEU A 183 -30.94 -1.88 26.20
C LEU A 183 -29.54 -1.75 26.81
N ARG A 184 -29.41 -0.97 27.90
CA ARG A 184 -28.14 -0.84 28.63
C ARG A 184 -27.57 -2.20 29.00
N GLU A 185 -28.38 -3.07 29.58
CA GLU A 185 -27.91 -4.39 30.01
C GLU A 185 -27.36 -5.18 28.82
N GLU A 186 -28.09 -5.19 27.71
CA GLU A 186 -27.60 -5.86 26.49
C GLU A 186 -26.24 -5.28 26.04
N LEU A 187 -26.08 -3.96 25.93
CA LEU A 187 -24.81 -3.36 25.54
C LEU A 187 -23.69 -3.68 26.55
N LYS A 188 -23.93 -3.59 27.85
CA LYS A 188 -22.87 -3.94 28.83
C LYS A 188 -22.54 -5.42 28.80
N PHE A 189 -23.51 -6.27 28.50
CA PHE A 189 -23.26 -7.68 28.26
C PHE A 189 -22.33 -7.89 27.05
N VAL A 190 -22.61 -7.22 25.91
CA VAL A 190 -21.68 -7.32 24.77
C VAL A 190 -20.30 -6.77 25.11
N ARG A 191 -20.20 -5.69 25.88
CA ARG A 191 -18.91 -5.17 26.36
C ARG A 191 -18.20 -6.24 27.18
N GLU A 192 -18.88 -6.92 28.09
CA GLU A 192 -18.26 -7.94 28.93
C GLU A 192 -17.69 -9.14 28.12
N ILE A 193 -18.19 -9.37 26.90
CA ILE A 193 -17.61 -10.32 25.93
C ILE A 193 -16.41 -9.67 25.22
N LEU A 194 -16.54 -8.46 24.67
CA LEU A 194 -15.41 -7.78 24.02
C LEU A 194 -14.26 -7.44 24.98
N ASP A 195 -14.51 -7.35 26.27
CA ASP A 195 -13.49 -7.26 27.33
C ASP A 195 -12.53 -8.44 27.30
N LYS A 196 -12.99 -9.62 26.89
CA LYS A 196 -12.20 -10.84 26.83
C LYS A 196 -11.13 -10.82 25.71
N ILE A 197 -11.39 -10.04 24.65
CA ILE A 197 -10.71 -10.14 23.33
C ILE A 197 -9.57 -9.12 23.14
N MET B 1 -49.29 -8.64 -3.87
CA MET B 1 -48.15 -8.95 -2.96
C MET B 1 -47.54 -10.30 -3.28
N GLU B 2 -48.32 -11.39 -3.22
CA GLU B 2 -47.84 -12.78 -3.32
C GLU B 2 -47.06 -13.07 -4.60
N GLU B 3 -47.36 -12.37 -5.70
CA GLU B 3 -46.60 -12.47 -6.94
C GLU B 3 -45.14 -12.02 -6.73
N LYS B 4 -44.95 -10.83 -6.12
CA LYS B 4 -43.62 -10.37 -5.75
C LYS B 4 -42.96 -11.34 -4.78
N ILE B 5 -43.71 -11.89 -3.82
CA ILE B 5 -43.11 -12.85 -2.87
C ILE B 5 -42.63 -14.10 -3.65
N LYS B 6 -43.44 -14.68 -4.53
CA LYS B 6 -43.01 -15.83 -5.34
C LYS B 6 -41.82 -15.48 -6.23
N GLU B 7 -41.84 -14.34 -6.88
CA GLU B 7 -40.73 -13.88 -7.71
C GLU B 7 -39.46 -13.69 -6.89
N LEU B 8 -39.54 -13.20 -5.65
CA LEU B 8 -38.39 -13.12 -4.78
C LEU B 8 -37.90 -14.52 -4.35
N GLU B 9 -38.81 -15.47 -4.06
CA GLU B 9 -38.40 -16.85 -3.80
C GLU B 9 -37.68 -17.48 -5.01
N GLU B 10 -38.19 -17.24 -6.21
CA GLU B 10 -37.55 -17.69 -7.44
C GLU B 10 -36.20 -16.99 -7.63
N LYS B 11 -36.11 -15.67 -7.40
CA LYS B 11 -34.86 -14.92 -7.51
C LYS B 11 -33.84 -15.43 -6.51
N VAL B 12 -34.24 -15.78 -5.29
CA VAL B 12 -33.31 -16.42 -4.36
C VAL B 12 -32.83 -17.73 -4.92
N GLU B 13 -33.73 -18.66 -5.20
CA GLU B 13 -33.33 -20.03 -5.49
C GLU B 13 -32.52 -20.09 -6.77
N GLU B 14 -32.78 -19.23 -7.76
CA GLU B 14 -32.01 -19.31 -9.00
C GLU B 14 -30.62 -18.68 -8.86
N LEU B 15 -30.44 -17.66 -8.06
CA LEU B 15 -29.11 -17.21 -7.66
C LEU B 15 -28.33 -18.24 -6.84
N VAL B 16 -29.01 -18.92 -5.90
CA VAL B 16 -28.40 -19.99 -5.09
C VAL B 16 -27.88 -21.11 -5.97
N LYS B 17 -28.69 -21.54 -6.95
CA LYS B 17 -28.32 -22.59 -7.90
C LYS B 17 -27.08 -22.23 -8.69
N GLU B 18 -26.97 -21.00 -9.19
CA GLU B 18 -25.73 -20.63 -9.87
C GLU B 18 -24.56 -20.25 -8.93
N ALA B 19 -24.81 -19.78 -7.69
CA ALA B 19 -23.78 -19.41 -6.72
C ALA B 19 -22.86 -20.61 -6.43
N LEU B 20 -23.45 -21.79 -6.24
CA LEU B 20 -22.73 -23.05 -6.06
C LEU B 20 -21.77 -23.36 -7.21
N GLU B 21 -22.14 -23.04 -8.45
CA GLU B 21 -21.24 -23.24 -9.62
C GLU B 21 -20.20 -22.15 -9.75
N LYS B 22 -20.57 -20.90 -9.47
CA LYS B 22 -19.68 -19.75 -9.59
C LYS B 22 -18.65 -19.69 -8.49
N LYS B 23 -19.01 -20.15 -7.30
CA LYS B 23 -18.24 -20.14 -6.07
C LYS B 23 -17.83 -18.75 -5.60
N ASP B 24 -18.78 -17.83 -5.37
CA ASP B 24 -18.52 -16.53 -4.73
C ASP B 24 -19.72 -15.99 -3.93
N PRO B 25 -19.54 -15.40 -2.73
CA PRO B 25 -20.62 -14.88 -1.90
C PRO B 25 -21.38 -13.69 -2.48
N ALA B 26 -20.82 -12.93 -3.41
CA ALA B 26 -21.50 -11.76 -4.00
C ALA B 26 -22.82 -12.12 -4.65
N VAL B 27 -22.93 -13.32 -5.25
CA VAL B 27 -24.19 -13.86 -5.73
C VAL B 27 -25.21 -13.99 -4.58
N LEU B 28 -24.81 -14.62 -3.47
CA LEU B 28 -25.71 -14.80 -2.32
C LEU B 28 -26.05 -13.48 -1.63
N LYS B 29 -25.21 -12.45 -1.69
CA LYS B 29 -25.58 -11.15 -1.11
C LYS B 29 -26.86 -10.62 -1.74
N LYS B 30 -27.00 -10.72 -3.06
CA LYS B 30 -28.26 -10.35 -3.74
C LYS B 30 -29.44 -11.21 -3.31
N ALA B 31 -29.22 -12.52 -3.10
CA ALA B 31 -30.29 -13.37 -2.59
C ALA B 31 -30.73 -12.90 -1.18
N LEU B 32 -29.79 -12.54 -0.31
CA LEU B 32 -30.08 -12.04 1.03
C LEU B 32 -30.80 -10.67 1.03
N VAL B 33 -30.48 -9.79 0.08
CA VAL B 33 -31.29 -8.58 -0.19
C VAL B 33 -32.74 -8.94 -0.46
N CYS B 34 -32.98 -9.96 -1.30
CA CYS B 34 -34.32 -10.41 -1.64
C CYS B 34 -35.04 -11.11 -0.47
N VAL B 35 -34.29 -11.73 0.42
CA VAL B 35 -34.82 -12.24 1.69
C VAL B 35 -35.35 -11.10 2.57
N TYR B 36 -34.60 -10.02 2.74
CA TYR B 36 -35.08 -8.87 3.48
C TYR B 36 -36.29 -8.23 2.81
N GLU B 37 -36.35 -8.17 1.49
CA GLU B 37 -37.57 -7.78 0.76
C GLU B 37 -38.77 -8.69 1.06
N MET B 38 -38.56 -10.01 1.11
CA MET B 38 -39.68 -10.88 1.51
C MET B 38 -40.14 -10.67 2.96
N LYS B 39 -39.24 -10.33 3.90
CA LYS B 39 -39.70 -9.88 5.23
C LYS B 39 -40.46 -8.57 5.16
N LYS B 40 -40.00 -7.61 4.36
CA LYS B 40 -40.71 -6.34 4.16
C LYS B 40 -42.14 -6.55 3.62
N LEU B 41 -42.30 -7.50 2.70
CA LEU B 41 -43.60 -7.93 2.15
C LEU B 41 -44.40 -8.87 3.07
N GLY B 42 -43.91 -9.19 4.26
CA GLY B 42 -44.62 -9.98 5.26
C GLY B 42 -44.81 -11.46 4.94
N MET B 43 -43.91 -12.12 4.20
CA MET B 43 -43.95 -13.57 4.00
C MET B 43 -43.86 -14.29 5.37
N PRO B 44 -44.63 -15.39 5.63
CA PRO B 44 -44.73 -15.97 6.96
C PRO B 44 -43.42 -16.41 7.59
N ASN B 45 -43.30 -16.17 8.89
CA ASN B 45 -42.03 -16.26 9.61
C ASN B 45 -41.33 -17.61 9.39
N GLU B 46 -42.06 -18.70 9.41
CA GLU B 46 -41.49 -20.02 9.25
C GLU B 46 -40.94 -20.28 7.82
N LYS B 47 -41.53 -19.72 6.78
CA LYS B 47 -40.93 -19.71 5.46
C LYS B 47 -39.68 -18.86 5.44
N LEU B 48 -39.66 -17.69 6.08
CA LEU B 48 -38.45 -16.88 6.12
C LEU B 48 -37.34 -17.60 6.89
N ILE B 49 -37.65 -18.30 7.98
CA ILE B 49 -36.67 -19.12 8.71
C ILE B 49 -36.18 -20.25 7.80
N GLU B 50 -37.07 -20.95 7.09
CA GLU B 50 -36.69 -21.97 6.11
C GLU B 50 -35.73 -21.40 5.06
N LEU B 51 -36.02 -20.26 4.46
CA LEU B 51 -35.11 -19.64 3.49
C LEU B 51 -33.77 -19.30 4.13
N LEU B 52 -33.77 -18.76 5.35
CA LEU B 52 -32.53 -18.45 6.06
C LEU B 52 -31.74 -19.75 6.30
N LYS B 53 -32.40 -20.86 6.68
CA LYS B 53 -31.74 -22.17 6.73
C LYS B 53 -31.17 -22.54 5.38
N LYS B 54 -31.98 -22.53 4.32
CA LYS B 54 -31.54 -22.88 2.96
C LYS B 54 -30.31 -22.07 2.51
N LEU B 55 -30.22 -20.82 2.92
CA LEU B 55 -29.07 -19.95 2.62
C LEU B 55 -27.83 -20.31 3.47
N VAL B 56 -27.99 -20.44 4.79
CA VAL B 56 -26.87 -20.83 5.65
C VAL B 56 -26.29 -22.16 5.21
N GLU B 57 -27.14 -23.15 4.95
CA GLU B 57 -26.73 -24.49 4.45
C GLU B 57 -26.18 -24.49 3.01
N VAL B 58 -25.99 -23.32 2.43
CA VAL B 58 -25.21 -23.12 1.20
C VAL B 58 -23.99 -22.24 1.44
N LEU B 59 -24.09 -21.22 2.29
CA LEU B 59 -22.93 -20.42 2.71
C LEU B 59 -21.78 -21.28 3.23
N LYS B 60 -22.03 -22.28 4.07
CA LYS B 60 -20.96 -23.15 4.59
C LYS B 60 -20.25 -23.91 3.48
N LYS B 61 -20.99 -24.54 2.57
CA LYS B 61 -20.38 -25.33 1.47
C LYS B 61 -19.52 -24.44 0.57
N LEU B 62 -19.93 -23.24 0.27
CA LEU B 62 -19.11 -22.24 -0.42
C LEU B 62 -17.82 -21.91 0.35
N ALA B 63 -17.95 -21.62 1.64
CA ALA B 63 -16.85 -21.30 2.53
C ALA B 63 -15.83 -22.44 2.75
N LEU B 64 -16.22 -23.70 2.56
CA LEU B 64 -15.30 -24.84 2.52
C LEU B 64 -14.70 -24.99 1.12
N GLU B 65 -15.49 -25.02 0.06
CA GLU B 65 -14.99 -25.36 -1.27
C GLU B 65 -14.13 -24.25 -1.88
N ARG B 66 -14.29 -23.01 -1.44
CA ARG B 66 -13.22 -22.03 -1.50
C ARG B 66 -12.88 -21.53 -0.10
N VAL B 67 -11.63 -21.74 0.30
CA VAL B 67 -11.11 -21.49 1.65
C VAL B 67 -10.83 -20.00 1.93
N ASP B 68 -11.87 -19.22 2.25
CA ASP B 68 -11.72 -17.89 2.87
C ASP B 68 -12.89 -17.62 3.86
N PRO B 69 -12.67 -16.89 4.96
CA PRO B 69 -13.58 -16.90 6.10
C PRO B 69 -14.73 -15.90 6.00
N ALA B 70 -14.60 -14.81 5.24
CA ALA B 70 -15.52 -13.70 5.22
C ALA B 70 -16.95 -14.10 4.82
N VAL B 71 -17.11 -15.14 4.00
CA VAL B 71 -18.41 -15.74 3.64
C VAL B 71 -19.24 -16.09 4.89
N LEU B 72 -18.59 -16.52 5.99
CA LEU B 72 -19.31 -16.92 7.17
C LEU B 72 -19.94 -15.73 7.93
N ASP B 73 -19.53 -14.50 7.64
CA ASP B 73 -20.01 -13.34 8.35
C ASP B 73 -21.52 -13.13 8.08
N LEU B 74 -21.93 -13.33 6.82
CA LEU B 74 -23.35 -13.38 6.45
C LEU B 74 -24.10 -14.46 7.24
N ALA B 75 -23.51 -15.64 7.41
CA ALA B 75 -24.16 -16.70 8.15
C ALA B 75 -24.40 -16.27 9.59
N LEU B 76 -23.39 -15.67 10.22
CA LEU B 76 -23.60 -15.14 11.55
C LEU B 76 -24.73 -14.14 11.59
N VAL B 77 -24.82 -13.19 10.65
CA VAL B 77 -25.96 -12.24 10.61
C VAL B 77 -27.32 -12.95 10.49
N CYS B 78 -27.45 -13.88 9.54
CA CYS B 78 -28.67 -14.64 9.32
C CYS B 78 -29.05 -15.52 10.52
N VAL B 79 -28.09 -15.94 11.33
CA VAL B 79 -28.42 -16.64 12.59
C VAL B 79 -29.11 -15.68 13.52
N TYR B 80 -28.61 -14.45 13.70
CA TYR B 80 -29.32 -13.47 14.54
C TYR B 80 -30.65 -13.05 13.92
N GLU B 81 -30.76 -13.02 12.60
CA GLU B 81 -32.06 -12.84 11.97
C GLU B 81 -33.04 -13.95 12.41
N MET B 82 -32.64 -15.23 12.36
CA MET B 82 -33.46 -16.33 12.84
C MET B 82 -33.77 -16.24 14.33
N LYS B 83 -32.84 -15.75 15.16
CA LYS B 83 -33.12 -15.47 16.57
C LYS B 83 -34.27 -14.50 16.74
N GLU B 84 -34.18 -13.37 16.06
CA GLU B 84 -35.15 -12.29 16.18
C GLU B 84 -36.51 -12.69 15.58
N LEU B 85 -36.48 -13.38 14.43
CA LEU B 85 -37.63 -13.88 13.71
C LEU B 85 -38.37 -15.02 14.45
N GLY B 86 -37.70 -15.69 15.39
CA GLY B 86 -38.34 -16.60 16.35
C GLY B 86 -38.09 -18.09 16.10
N MET B 87 -36.97 -18.46 15.47
CA MET B 87 -36.56 -19.88 15.42
C MET B 87 -36.25 -20.41 16.86
N PRO B 88 -36.65 -21.64 17.23
CA PRO B 88 -36.47 -22.13 18.60
C PRO B 88 -35.03 -22.25 19.06
N ASN B 89 -34.77 -21.99 20.35
CA ASN B 89 -33.40 -21.89 20.91
C ASN B 89 -32.54 -23.13 20.75
N GLU B 90 -33.11 -24.34 20.83
CA GLU B 90 -32.36 -25.59 20.73
C GLU B 90 -31.80 -25.78 19.32
N GLU B 91 -32.50 -25.35 18.28
CA GLU B 91 -32.03 -25.45 16.90
C GLU B 91 -31.15 -24.27 16.51
N LEU B 92 -31.23 -23.13 17.20
CA LEU B 92 -30.10 -22.19 17.17
C LEU B 92 -28.84 -22.86 17.71
N ILE B 93 -28.93 -23.50 18.87
CA ILE B 93 -27.79 -24.20 19.44
C ILE B 93 -27.27 -25.23 18.46
N LYS B 94 -28.14 -25.96 17.74
CA LYS B 94 -27.71 -26.88 16.68
C LYS B 94 -26.92 -26.13 15.60
N LEU B 95 -27.48 -25.05 15.02
CA LEU B 95 -26.81 -24.32 13.93
C LEU B 95 -25.50 -23.71 14.39
N LEU B 96 -25.42 -23.24 15.63
CA LEU B 96 -24.23 -22.62 16.17
C LEU B 96 -23.16 -23.70 16.43
N LYS B 97 -23.50 -24.89 16.94
CA LYS B 97 -22.55 -26.02 16.97
C LYS B 97 -22.05 -26.29 15.55
N GLU B 98 -22.94 -26.42 14.58
CA GLU B 98 -22.58 -26.69 13.19
C GLU B 98 -21.65 -25.61 12.61
N LEU B 99 -21.91 -24.33 12.84
CA LEU B 99 -21.10 -23.25 12.29
C LEU B 99 -19.74 -23.14 12.97
N VAL B 100 -19.68 -23.30 14.30
CA VAL B 100 -18.38 -23.35 15.02
C VAL B 100 -17.52 -24.46 14.41
N GLU B 101 -18.15 -25.59 14.09
CA GLU B 101 -17.56 -26.73 13.38
C GLU B 101 -17.25 -26.53 11.88
N VAL B 102 -17.31 -25.30 11.36
CA VAL B 102 -16.57 -24.92 10.15
C VAL B 102 -15.46 -23.95 10.45
N LEU B 103 -15.66 -22.99 11.34
CA LEU B 103 -14.55 -22.13 11.78
C LEU B 103 -13.36 -22.96 12.27
N ARG B 104 -13.62 -23.97 13.10
CA ARG B 104 -12.60 -24.85 13.67
C ARG B 104 -11.78 -25.58 12.61
N ILE B 105 -12.32 -25.89 11.43
CA ILE B 105 -11.53 -26.46 10.32
C ILE B 105 -10.90 -25.35 9.49
N LEU B 106 -11.63 -24.28 9.16
CA LEU B 106 -11.13 -23.21 8.26
C LEU B 106 -9.98 -22.40 8.90
N ALA B 107 -9.93 -22.28 10.22
CA ALA B 107 -8.82 -21.67 10.94
C ALA B 107 -7.48 -22.39 10.78
N LEU B 108 -7.52 -23.73 10.71
CA LEU B 108 -6.33 -24.56 10.48
C LEU B 108 -5.91 -24.48 9.03
N ILE B 109 -6.75 -24.93 8.09
CA ILE B 109 -6.34 -25.14 6.68
C ILE B 109 -5.90 -23.86 5.97
N ASN B 110 -6.38 -22.69 6.41
CA ASN B 110 -5.86 -21.39 5.97
C ASN B 110 -5.35 -20.67 7.22
N VAL B 111 -4.16 -21.06 7.69
CA VAL B 111 -3.60 -20.80 9.03
C VAL B 111 -3.82 -19.33 9.47
N ASP B 112 -4.68 -19.10 10.45
CA ASP B 112 -4.99 -17.73 10.92
C ASP B 112 -5.65 -17.69 12.31
N PRO B 113 -5.00 -17.12 13.33
CA PRO B 113 -5.60 -16.98 14.66
C PRO B 113 -6.84 -16.09 14.68
N ALA B 114 -6.89 -15.05 13.86
CA ALA B 114 -7.86 -14.00 14.00
C ALA B 114 -9.31 -14.50 13.82
N VAL B 115 -9.54 -15.46 12.94
CA VAL B 115 -10.90 -15.97 12.68
C VAL B 115 -11.50 -16.57 13.94
N LEU B 116 -10.70 -17.15 14.84
CA LEU B 116 -11.20 -17.83 16.04
C LEU B 116 -12.01 -16.93 16.96
N ASP B 117 -11.82 -15.61 16.89
CA ASP B 117 -12.58 -14.67 17.70
C ASP B 117 -14.07 -14.80 17.38
N LYS B 118 -14.42 -15.03 16.10
CA LYS B 118 -15.80 -15.28 15.68
C LYS B 118 -16.35 -16.55 16.31
N ALA B 119 -15.49 -17.53 16.56
CA ALA B 119 -15.91 -18.72 17.25
C ALA B 119 -16.13 -18.41 18.76
N LEU B 120 -15.23 -17.68 19.41
CA LEU B 120 -15.38 -17.35 20.82
C LEU B 120 -16.68 -16.60 21.11
N VAL B 121 -17.03 -15.58 20.32
CA VAL B 121 -18.33 -14.89 20.49
C VAL B 121 -19.54 -15.85 20.28
N CYS B 122 -19.49 -16.81 19.35
CA CYS B 122 -20.54 -17.82 19.22
C CYS B 122 -20.59 -18.77 20.41
N VAL B 123 -19.46 -19.12 21.01
CA VAL B 123 -19.47 -19.90 22.26
C VAL B 123 -20.20 -19.15 23.38
N TYR B 124 -19.88 -17.87 23.59
CA TYR B 124 -20.62 -17.08 24.57
C TYR B 124 -22.09 -16.87 24.18
N LEU B 125 -22.44 -16.80 22.90
CA LEU B 125 -23.87 -16.83 22.53
C LEU B 125 -24.54 -18.14 22.94
N MET B 126 -23.92 -19.30 22.72
CA MET B 126 -24.50 -20.55 23.21
C MET B 126 -24.53 -20.62 24.74
N LYS B 127 -23.61 -19.94 25.43
CA LYS B 127 -23.74 -19.71 26.87
C LYS B 127 -25.02 -18.96 27.20
N GLU B 128 -25.30 -17.85 26.51
CA GLU B 128 -26.52 -17.05 26.69
C GLU B 128 -27.79 -17.89 26.42
N LEU B 129 -27.80 -18.68 25.34
CA LEU B 129 -28.91 -19.56 24.97
C LEU B 129 -29.02 -20.85 25.78
N GLY B 130 -28.03 -21.19 26.62
CA GLY B 130 -28.10 -22.27 27.59
C GLY B 130 -27.77 -23.67 27.05
N MET B 131 -26.78 -23.81 26.15
CA MET B 131 -26.21 -25.12 25.87
C MET B 131 -25.60 -25.76 27.15
N PRO B 132 -25.58 -27.09 27.32
CA PRO B 132 -25.02 -27.72 28.53
C PRO B 132 -23.52 -27.50 28.75
N ASN B 133 -23.12 -27.38 30.02
CA ASN B 133 -21.76 -27.01 30.48
C ASN B 133 -20.65 -27.76 29.74
N GLU B 134 -20.72 -29.09 29.71
CA GLU B 134 -19.68 -29.97 29.16
C GLU B 134 -19.56 -29.82 27.62
N GLU B 135 -20.64 -29.43 26.94
CA GLU B 135 -20.60 -29.18 25.50
C GLU B 135 -19.88 -27.85 25.18
N LEU B 136 -20.08 -26.79 25.95
CA LEU B 136 -19.24 -25.60 25.86
C LEU B 136 -17.79 -25.95 26.14
N ILE B 137 -17.55 -26.70 27.22
CA ILE B 137 -16.21 -27.07 27.63
C ILE B 137 -15.52 -27.89 26.55
N LYS B 138 -16.23 -28.77 25.84
CA LYS B 138 -15.65 -29.41 24.68
C LYS B 138 -15.18 -28.43 23.60
N LEU B 139 -16.03 -27.49 23.16
CA LEU B 139 -15.63 -26.50 22.17
C LEU B 139 -14.49 -25.63 22.70
N LEU B 140 -14.47 -25.32 24.00
CA LEU B 140 -13.37 -24.54 24.58
C LEU B 140 -12.07 -25.35 24.60
N GLU B 141 -12.09 -26.64 24.90
CA GLU B 141 -10.90 -27.48 24.76
C GLU B 141 -10.43 -27.50 23.31
N GLU B 142 -11.31 -27.75 22.37
CA GLU B 142 -10.99 -27.77 20.94
C GLU B 142 -10.40 -26.44 20.48
N LEU B 143 -11.01 -25.28 20.82
CA LEU B 143 -10.51 -24.00 20.41
C LEU B 143 -9.23 -23.64 21.13
N VAL B 144 -9.05 -24.06 22.38
CA VAL B 144 -7.75 -23.99 23.05
C VAL B 144 -6.74 -24.84 22.27
N GLU B 145 -7.13 -25.97 21.65
CA GLU B 145 -6.24 -26.74 20.78
C GLU B 145 -5.85 -25.97 19.52
N VAL B 146 -6.81 -25.39 18.80
CA VAL B 146 -6.42 -24.64 17.59
C VAL B 146 -5.62 -23.40 17.94
N LEU B 147 -5.91 -22.72 19.04
CA LEU B 147 -5.07 -21.64 19.55
C LEU B 147 -3.65 -22.15 19.85
N ARG B 148 -3.53 -23.29 20.52
CA ARG B 148 -2.23 -23.93 20.81
C ARG B 148 -1.48 -24.16 19.51
N ILE B 149 -2.09 -24.82 18.53
CA ILE B 149 -1.42 -25.19 17.26
C ILE B 149 -0.97 -23.94 16.52
N LEU B 150 -1.84 -22.93 16.35
CA LEU B 150 -1.42 -21.72 15.64
C LEU B 150 -0.35 -20.92 16.41
N ALA B 151 -0.34 -20.98 17.75
CA ALA B 151 0.72 -20.33 18.51
C ALA B 151 2.09 -20.99 18.28
N LEU B 152 2.11 -22.26 17.89
CA LEU B 152 3.33 -22.94 17.44
C LEU B 152 3.62 -22.66 15.97
N ILE B 153 2.64 -22.72 15.06
CA ILE B 153 2.85 -22.51 13.61
C ILE B 153 3.33 -21.08 13.30
N ARG B 154 2.88 -20.08 14.03
CA ARG B 154 3.44 -18.71 13.95
C ARG B 154 3.66 -18.08 15.33
N VAL B 155 4.71 -17.28 15.43
CA VAL B 155 5.11 -16.64 16.67
C VAL B 155 4.25 -15.41 17.01
N ASP B 156 3.51 -15.46 18.12
CA ASP B 156 2.84 -14.33 18.77
C ASP B 156 2.43 -14.71 20.20
N LYS B 157 2.86 -13.96 21.22
CA LYS B 157 2.51 -14.28 22.62
C LYS B 157 1.02 -14.25 22.91
N ARG B 158 0.26 -13.39 22.25
CA ARG B 158 -1.14 -13.06 22.65
C ARG B 158 -2.09 -14.23 22.52
N VAL B 159 -1.83 -15.09 21.56
CA VAL B 159 -2.73 -16.22 21.27
C VAL B 159 -2.90 -17.11 22.52
N LEU B 160 -1.83 -17.35 23.27
CA LEU B 160 -1.89 -18.10 24.52
C LEU B 160 -2.71 -17.42 25.62
N ASP B 161 -2.72 -16.10 25.67
CA ASP B 161 -3.51 -15.38 26.69
C ASP B 161 -5.00 -15.56 26.45
N LYS B 162 -5.48 -15.51 25.18
CA LYS B 162 -6.87 -15.87 24.85
C LYS B 162 -7.19 -17.27 25.34
N ALA B 163 -6.30 -18.21 25.08
CA ALA B 163 -6.50 -19.58 25.50
C ALA B 163 -6.55 -19.68 27.04
N GLU B 164 -5.72 -18.92 27.76
CA GLU B 164 -5.74 -18.92 29.22
C GLU B 164 -7.09 -18.42 29.73
N VAL B 165 -7.59 -17.32 29.17
CA VAL B 165 -8.91 -16.78 29.48
C VAL B 165 -9.97 -17.86 29.22
N CYS B 166 -9.91 -18.54 28.08
CA CYS B 166 -10.84 -19.59 27.76
C CYS B 166 -10.76 -20.79 28.71
N ILE B 167 -9.59 -21.16 29.21
CA ILE B 167 -9.44 -22.23 30.22
C ILE B 167 -10.15 -21.82 31.53
N GLU B 168 -10.03 -20.56 31.91
CA GLU B 168 -10.75 -20.03 33.07
C GLU B 168 -12.27 -20.00 32.86
N GLU B 169 -12.78 -19.88 31.63
CA GLU B 169 -14.21 -20.16 31.38
C GLU B 169 -14.61 -21.58 31.69
N MET B 170 -13.73 -22.54 31.43
CA MET B 170 -14.01 -23.95 31.74
C MET B 170 -13.97 -24.17 33.25
N GLU B 171 -13.04 -23.51 33.96
CA GLU B 171 -13.00 -23.50 35.43
C GLU B 171 -14.27 -22.89 36.02
N GLU B 172 -14.74 -21.78 35.47
CA GLU B 172 -16.02 -21.16 35.88
C GLU B 172 -17.21 -22.08 35.61
N LEU B 173 -17.27 -22.67 34.43
CA LEU B 173 -18.40 -23.51 33.99
C LEU B 173 -18.34 -24.91 34.59
N GLY B 174 -17.19 -25.31 35.11
CA GLY B 174 -16.96 -26.46 35.98
C GLY B 174 -16.35 -27.65 35.25
N MET B 175 -15.04 -27.83 35.43
CA MET B 175 -14.30 -29.04 35.00
C MET B 175 -13.14 -29.32 36.00
N PRO B 176 -12.78 -30.58 36.32
CA PRO B 176 -11.66 -30.88 37.23
C PRO B 176 -10.29 -30.36 36.80
N GLU B 177 -9.48 -30.09 37.81
CA GLU B 177 -8.28 -29.27 37.65
C GLU B 177 -7.12 -29.99 36.97
N GLU B 178 -7.11 -31.31 36.86
CA GLU B 178 -5.97 -31.99 36.24
C GLU B 178 -5.89 -31.68 34.74
N LYS B 179 -7.05 -31.58 34.10
CA LYS B 179 -7.18 -31.09 32.74
C LYS B 179 -6.65 -29.65 32.63
N ILE B 180 -7.04 -28.78 33.55
CA ILE B 180 -6.56 -27.40 33.63
C ILE B 180 -5.05 -27.38 33.74
N LYS B 181 -4.47 -28.16 34.66
CA LYS B 181 -3.03 -28.14 34.91
C LYS B 181 -2.26 -28.70 33.72
N GLU B 182 -2.73 -29.78 33.08
CA GLU B 182 -2.14 -30.31 31.83
C GLU B 182 -2.15 -29.23 30.74
N LEU B 183 -3.31 -28.62 30.48
CA LEU B 183 -3.46 -27.59 29.47
C LEU B 183 -2.53 -26.39 29.78
N ARG B 184 -2.51 -25.92 31.02
CA ARG B 184 -1.62 -24.83 31.42
C ARG B 184 -0.18 -25.19 31.15
N GLU B 185 0.27 -26.38 31.55
CA GLU B 185 1.66 -26.77 31.34
C GLU B 185 2.02 -26.75 29.85
N GLU B 186 1.14 -27.26 29.01
CA GLU B 186 1.34 -27.20 27.57
C GLU B 186 1.41 -25.74 27.08
N LEU B 187 0.47 -24.87 27.47
CA LEU B 187 0.52 -23.48 27.03
C LEU B 187 1.75 -22.76 27.56
N LYS B 188 2.19 -23.04 28.79
CA LYS B 188 3.41 -22.47 29.35
C LYS B 188 4.62 -22.98 28.58
N PHE B 189 4.65 -24.23 28.18
CA PHE B 189 5.70 -24.71 27.28
C PHE B 189 5.72 -23.91 25.97
N VAL B 190 4.57 -23.63 25.36
CA VAL B 190 4.55 -22.80 24.15
C VAL B 190 5.02 -21.36 24.43
N ARG B 191 4.66 -20.78 25.58
CA ARG B 191 5.20 -19.47 25.98
C ARG B 191 6.72 -19.51 26.17
N GLU B 192 7.24 -20.54 26.81
CA GLU B 192 8.67 -20.70 26.98
C GLU B 192 9.40 -20.84 25.64
N ILE B 193 8.77 -21.39 24.60
CA ILE B 193 9.35 -21.39 23.25
C ILE B 193 9.28 -19.98 22.66
N LEU B 194 8.15 -19.30 22.74
CA LEU B 194 8.00 -17.94 22.21
C LEU B 194 8.87 -16.92 22.95
N ASP B 195 9.23 -17.17 24.21
CA ASP B 195 10.17 -16.34 24.98
C ASP B 195 11.56 -16.29 24.37
N LYS B 196 11.96 -17.35 23.66
CA LYS B 196 13.23 -17.39 22.93
C LYS B 196 13.33 -16.37 21.79
N ILE B 197 12.20 -15.91 21.24
CA ILE B 197 12.12 -15.24 19.93
C ILE B 197 12.12 -13.71 20.08
N MET C 1 -21.72 -45.32 3.59
CA MET C 1 -20.69 -44.31 3.97
C MET C 1 -19.32 -44.53 3.31
N GLU C 2 -18.84 -45.78 3.22
CA GLU C 2 -17.54 -46.12 2.59
C GLU C 2 -17.36 -45.61 1.16
N GLU C 3 -18.44 -45.39 0.44
CA GLU C 3 -18.45 -44.80 -0.92
C GLU C 3 -17.88 -43.36 -0.90
N LYS C 4 -18.38 -42.54 0.04
CA LYS C 4 -17.84 -41.20 0.27
C LYS C 4 -16.39 -41.33 0.70
N ILE C 5 -16.04 -42.28 1.53
CA ILE C 5 -14.64 -42.45 1.98
C ILE C 5 -13.71 -42.72 0.78
N LYS C 6 -13.98 -43.73 -0.04
CA LYS C 6 -13.15 -43.96 -1.25
C LYS C 6 -13.23 -42.81 -2.23
N GLU C 7 -14.36 -42.15 -2.39
CA GLU C 7 -14.47 -40.97 -3.24
C GLU C 7 -13.61 -39.82 -2.75
N LEU C 8 -13.47 -39.65 -1.41
CA LEU C 8 -12.55 -38.69 -0.86
C LEU C 8 -11.07 -39.11 -1.05
N GLU C 9 -10.73 -40.39 -1.01
CA GLU C 9 -9.39 -40.84 -1.41
C GLU C 9 -9.17 -40.55 -2.90
N GLU C 10 -10.12 -40.84 -3.76
CA GLU C 10 -10.03 -40.50 -5.18
C GLU C 10 -9.89 -39.00 -5.39
N LYS C 11 -10.61 -38.17 -4.64
CA LYS C 11 -10.41 -36.71 -4.68
C LYS C 11 -9.01 -36.34 -4.24
N VAL C 12 -8.46 -36.90 -3.16
CA VAL C 12 -7.07 -36.67 -2.79
C VAL C 12 -6.13 -37.01 -3.95
N GLU C 13 -6.29 -38.20 -4.56
CA GLU C 13 -5.50 -38.64 -5.68
C GLU C 13 -5.57 -37.69 -6.87
N GLU C 14 -6.78 -37.32 -7.27
CA GLU C 14 -7.01 -36.47 -8.43
C GLU C 14 -6.40 -35.08 -8.22
N LEU C 15 -6.68 -34.50 -7.06
CA LEU C 15 -6.16 -33.18 -6.73
C LEU C 15 -4.66 -33.24 -6.55
N VAL C 16 -4.05 -34.32 -6.06
CA VAL C 16 -2.59 -34.44 -5.98
C VAL C 16 -1.98 -34.45 -7.36
N LYS C 17 -2.54 -35.28 -8.27
CA LYS C 17 -2.05 -35.37 -9.63
C LYS C 17 -2.18 -34.05 -10.37
N GLU C 18 -3.27 -33.31 -10.18
CA GLU C 18 -3.41 -31.95 -10.71
C GLU C 18 -2.41 -30.99 -10.08
N ALA C 19 -2.32 -30.94 -8.74
CA ALA C 19 -1.46 -30.01 -8.01
C ALA C 19 0.00 -30.13 -8.40
N LEU C 20 0.49 -31.36 -8.45
CA LEU C 20 1.88 -31.65 -8.76
C LEU C 20 2.30 -31.22 -10.19
N GLU C 21 1.34 -31.20 -11.12
CA GLU C 21 1.60 -30.67 -12.47
C GLU C 21 1.37 -29.17 -12.55
N LYS C 22 0.30 -28.64 -11.92
CA LYS C 22 -0.10 -27.22 -11.99
C LYS C 22 0.83 -26.31 -11.18
N LYS C 23 1.45 -26.86 -10.12
CA LYS C 23 2.29 -26.19 -9.12
C LYS C 23 1.62 -25.03 -8.36
N ASP C 24 0.62 -25.34 -7.53
CA ASP C 24 0.07 -24.40 -6.56
C ASP C 24 -0.57 -25.10 -5.35
N PRO C 25 -0.25 -24.71 -4.11
CA PRO C 25 -0.76 -25.39 -2.91
C PRO C 25 -2.27 -25.30 -2.72
N ALA C 26 -2.95 -24.31 -3.32
CA ALA C 26 -4.40 -24.18 -3.18
C ALA C 26 -5.17 -25.43 -3.63
N VAL C 27 -4.61 -26.16 -4.60
CA VAL C 27 -5.14 -27.46 -5.02
C VAL C 27 -5.01 -28.47 -3.88
N LEU C 28 -3.88 -28.54 -3.17
CA LEU C 28 -3.75 -29.44 -2.02
C LEU C 28 -4.54 -29.03 -0.78
N LYS C 29 -4.90 -27.75 -0.63
CA LYS C 29 -5.80 -27.36 0.46
C LYS C 29 -7.11 -28.15 0.36
N LYS C 30 -7.70 -28.28 -0.85
CA LYS C 30 -8.91 -29.11 -1.05
C LYS C 30 -8.66 -30.56 -0.67
N ALA C 31 -7.51 -31.13 -1.01
CA ALA C 31 -7.22 -32.52 -0.67
C ALA C 31 -7.22 -32.67 0.86
N LEU C 32 -6.62 -31.74 1.59
CA LEU C 32 -6.66 -31.72 3.05
C LEU C 32 -8.08 -31.56 3.62
N VAL C 33 -8.90 -30.70 3.03
CA VAL C 33 -10.33 -30.62 3.41
C VAL C 33 -10.97 -32.00 3.30
N CYS C 34 -10.73 -32.71 2.20
CA CYS C 34 -11.23 -34.07 1.98
C CYS C 34 -10.64 -35.08 2.99
N VAL C 35 -9.41 -34.91 3.44
CA VAL C 35 -8.80 -35.69 4.52
C VAL C 35 -9.53 -35.46 5.82
N TYR C 36 -9.82 -34.20 6.17
CA TYR C 36 -10.60 -33.88 7.36
C TYR C 36 -12.01 -34.45 7.28
N GLU C 37 -12.66 -34.41 6.12
CA GLU C 37 -13.93 -35.11 5.94
C GLU C 37 -13.80 -36.63 6.17
N MET C 38 -12.78 -37.29 5.63
CA MET C 38 -12.57 -38.73 5.89
C MET C 38 -12.33 -39.03 7.37
N LYS C 39 -11.60 -38.19 8.08
CA LYS C 39 -11.48 -38.31 9.54
C LYS C 39 -12.83 -38.28 10.21
N LYS C 40 -13.69 -37.30 9.86
CA LYS C 40 -15.04 -37.18 10.42
C LYS C 40 -15.89 -38.41 10.11
N LEU C 41 -15.70 -39.02 8.93
CA LEU C 41 -16.34 -40.30 8.58
C LEU C 41 -15.66 -41.54 9.19
N GLY C 42 -14.72 -41.38 10.12
CA GLY C 42 -14.18 -42.49 10.91
C GLY C 42 -13.28 -43.45 10.13
N MET C 43 -12.72 -43.00 9.01
CA MET C 43 -11.66 -43.71 8.26
C MET C 43 -10.51 -44.15 9.22
N PRO C 44 -9.92 -45.36 9.07
CA PRO C 44 -8.98 -45.89 10.05
C PRO C 44 -7.73 -45.00 10.21
N ASN C 45 -7.27 -44.85 11.45
CA ASN C 45 -6.27 -43.86 11.80
C ASN C 45 -4.96 -44.03 11.01
N GLU C 46 -4.56 -45.28 10.78
CA GLU C 46 -3.37 -45.59 10.01
C GLU C 46 -3.54 -45.18 8.54
N LYS C 47 -4.73 -45.41 7.96
CA LYS C 47 -5.03 -44.92 6.58
C LYS C 47 -4.89 -43.41 6.52
N LEU C 48 -5.45 -42.70 7.51
CA LEU C 48 -5.35 -41.26 7.57
C LEU C 48 -3.88 -40.80 7.74
N ILE C 49 -3.09 -41.50 8.56
CA ILE C 49 -1.66 -41.19 8.70
C ILE C 49 -0.95 -41.39 7.38
N GLU C 50 -1.24 -42.46 6.62
CA GLU C 50 -0.66 -42.67 5.30
C GLU C 50 -1.13 -41.65 4.26
N LEU C 51 -2.40 -41.27 4.25
CA LEU C 51 -2.92 -40.20 3.41
C LEU C 51 -2.20 -38.87 3.70
N LEU C 52 -1.97 -38.58 4.98
CA LEU C 52 -1.26 -37.38 5.42
C LEU C 52 0.21 -37.48 4.97
N LYS C 53 0.86 -38.62 5.12
CA LYS C 53 2.22 -38.84 4.58
C LYS C 53 2.23 -38.58 3.08
N LYS C 54 1.26 -39.16 2.35
CA LYS C 54 1.03 -38.92 0.91
C LYS C 54 0.61 -37.48 0.55
N LEU C 55 0.61 -36.55 1.50
CA LEU C 55 0.56 -35.11 1.21
C LEU C 55 1.82 -34.40 1.68
N VAL C 56 2.36 -34.68 2.86
CA VAL C 56 3.60 -34.07 3.29
C VAL C 56 4.70 -34.36 2.25
N GLU C 57 4.79 -35.61 1.79
CA GLU C 57 5.73 -36.08 0.76
C GLU C 57 5.36 -35.60 -0.67
N VAL C 58 4.50 -34.58 -0.76
CA VAL C 58 4.22 -33.81 -1.98
C VAL C 58 4.32 -32.31 -1.73
N LEU C 59 3.95 -31.80 -0.56
CA LEU C 59 4.14 -30.40 -0.21
C LEU C 59 5.60 -29.95 -0.35
N LYS C 60 6.55 -30.75 0.17
CA LYS C 60 7.97 -30.48 0.07
C LYS C 60 8.42 -30.37 -1.39
N LYS C 61 8.05 -31.34 -2.23
CA LYS C 61 8.43 -31.38 -3.64
C LYS C 61 7.86 -30.18 -4.39
N LEU C 62 6.62 -29.78 -4.12
CA LEU C 62 6.08 -28.51 -4.63
C LEU C 62 6.88 -27.29 -4.17
N ALA C 63 7.19 -27.22 -2.90
CA ALA C 63 7.88 -26.10 -2.28
C ALA C 63 9.33 -25.92 -2.75
N LEU C 64 9.96 -26.96 -3.26
CA LEU C 64 11.25 -26.86 -3.94
C LEU C 64 11.07 -26.51 -5.42
N GLU C 65 10.20 -27.19 -6.15
CA GLU C 65 10.07 -27.02 -7.59
C GLU C 65 9.51 -25.65 -8.04
N ARG C 66 8.89 -24.91 -7.13
CA ARG C 66 8.84 -23.45 -7.17
C ARG C 66 9.06 -22.96 -5.73
N VAL C 67 9.89 -21.91 -5.60
CA VAL C 67 10.44 -21.53 -4.28
C VAL C 67 9.59 -20.48 -3.57
N ASP C 68 8.76 -20.90 -2.63
CA ASP C 68 8.22 -20.04 -1.55
C ASP C 68 8.03 -20.85 -0.24
N PRO C 69 7.97 -20.20 0.94
CA PRO C 69 7.97 -20.91 2.22
C PRO C 69 6.59 -21.36 2.68
N ALA C 70 5.54 -20.61 2.35
CA ALA C 70 4.22 -20.79 2.94
C ALA C 70 3.59 -22.17 2.72
N VAL C 71 3.93 -22.87 1.63
CA VAL C 71 3.50 -24.25 1.34
C VAL C 71 3.79 -25.20 2.51
N LEU C 72 4.89 -24.99 3.22
CA LEU C 72 5.31 -25.84 4.33
C LEU C 72 4.42 -25.70 5.59
N ASP C 73 3.66 -24.62 5.69
CA ASP C 73 2.80 -24.39 6.87
C ASP C 73 1.73 -25.47 6.99
N LEU C 74 1.15 -25.88 5.88
CA LEU C 74 0.27 -27.04 5.85
C LEU C 74 0.94 -28.28 6.41
N ALA C 75 2.18 -28.56 6.01
CA ALA C 75 2.90 -29.74 6.45
C ALA C 75 3.15 -29.64 7.95
N LEU C 76 3.51 -28.47 8.45
CA LEU C 76 3.71 -28.29 9.87
C LEU C 76 2.42 -28.60 10.63
N VAL C 77 1.25 -28.19 10.14
CA VAL C 77 -0.03 -28.57 10.75
C VAL C 77 -0.26 -30.09 10.68
N CYS C 78 -0.13 -30.67 9.50
CA CYS C 78 -0.42 -32.09 9.31
C CYS C 78 0.48 -33.00 10.15
N VAL C 79 1.68 -32.54 10.52
CA VAL C 79 2.53 -33.30 11.44
C VAL C 79 1.81 -33.43 12.77
N TYR C 80 1.26 -32.37 13.35
CA TYR C 80 0.49 -32.49 14.58
C TYR C 80 -0.78 -33.31 14.37
N GLU C 81 -1.41 -33.25 13.21
CA GLU C 81 -2.53 -34.17 12.92
C GLU C 81 -2.09 -35.65 13.00
N MET C 82 -0.93 -35.99 12.43
CA MET C 82 -0.37 -37.34 12.52
C MET C 82 -0.01 -37.70 13.98
N LYS C 83 0.49 -36.73 14.77
CA LYS C 83 0.73 -36.91 16.20
C LYS C 83 -0.56 -37.33 16.90
N GLU C 84 -1.65 -36.62 16.62
CA GLU C 84 -2.94 -36.89 17.23
C GLU C 84 -3.53 -38.26 16.84
N LEU C 85 -3.46 -38.63 15.56
CA LEU C 85 -3.89 -39.93 15.07
C LEU C 85 -3.02 -41.10 15.57
N GLY C 86 -1.82 -40.83 16.11
CA GLY C 86 -0.95 -41.85 16.72
C GLY C 86 0.17 -42.35 15.82
N MET C 87 0.65 -41.54 14.89
CA MET C 87 1.89 -41.82 14.18
C MET C 87 3.02 -42.06 15.21
N PRO C 88 3.90 -43.07 14.97
CA PRO C 88 5.00 -43.38 15.89
C PRO C 88 5.97 -42.20 16.08
N ASN C 89 6.49 -42.00 17.29
CA ASN C 89 7.49 -40.95 17.59
C ASN C 89 8.73 -41.00 16.68
N GLU C 90 9.20 -42.18 16.31
CA GLU C 90 10.28 -42.36 15.35
C GLU C 90 9.89 -41.89 13.93
N GLU C 91 8.66 -42.14 13.48
CA GLU C 91 8.18 -41.58 12.21
C GLU C 91 8.07 -40.03 12.28
N LEU C 92 7.59 -39.45 13.39
CA LEU C 92 7.57 -38.01 13.57
C LEU C 92 9.00 -37.45 13.47
N ILE C 93 9.91 -37.98 14.27
CA ILE C 93 11.27 -37.48 14.35
C ILE C 93 11.96 -37.61 12.99
N LYS C 94 11.76 -38.72 12.28
CA LYS C 94 12.28 -38.87 10.93
C LYS C 94 11.76 -37.80 10.02
N LEU C 95 10.43 -37.64 9.98
CA LEU C 95 9.79 -36.74 9.05
C LEU C 95 10.15 -35.28 9.38
N LEU C 96 10.23 -34.92 10.65
CA LEU C 96 10.61 -33.58 11.09
C LEU C 96 12.08 -33.32 10.73
N LYS C 97 13.00 -34.29 10.88
CA LYS C 97 14.34 -34.15 10.30
C LYS C 97 14.25 -33.82 8.81
N GLU C 98 13.42 -34.54 8.06
CA GLU C 98 13.24 -34.32 6.64
C GLU C 98 12.73 -32.89 6.35
N LEU C 99 11.71 -32.42 7.08
CA LEU C 99 11.13 -31.11 6.82
C LEU C 99 12.11 -29.99 7.23
N VAL C 100 12.83 -30.16 8.34
CA VAL C 100 13.80 -29.17 8.80
C VAL C 100 14.84 -28.96 7.70
N GLU C 101 15.24 -30.01 6.99
CA GLU C 101 16.17 -29.85 5.88
C GLU C 101 15.59 -28.98 4.75
N VAL C 102 14.32 -29.06 4.39
CA VAL C 102 13.78 -28.19 3.34
C VAL C 102 13.64 -26.75 3.77
N LEU C 103 13.36 -26.47 5.04
CA LEU C 103 13.44 -25.10 5.56
C LEU C 103 14.85 -24.57 5.39
N ARG C 104 15.86 -25.33 5.83
CA ARG C 104 17.26 -24.96 5.72
C ARG C 104 17.66 -24.60 4.30
N ILE C 105 17.38 -25.43 3.30
CA ILE C 105 17.72 -25.07 1.91
C ILE C 105 16.91 -23.86 1.44
N LEU C 106 15.60 -23.81 1.71
CA LEU C 106 14.75 -22.74 1.16
C LEU C 106 15.12 -21.37 1.77
N ALA C 107 15.52 -21.33 3.04
CA ALA C 107 15.99 -20.14 3.73
C ALA C 107 17.29 -19.56 3.10
N LEU C 108 18.14 -20.39 2.47
CA LEU C 108 19.30 -19.90 1.77
C LEU C 108 18.92 -19.38 0.39
N ILE C 109 18.26 -20.23 -0.41
CA ILE C 109 18.06 -19.91 -1.84
C ILE C 109 17.15 -18.68 -2.07
N ASN C 110 16.25 -18.42 -1.14
CA ASN C 110 15.50 -17.17 -1.11
C ASN C 110 15.97 -16.38 0.11
N VAL C 111 16.49 -15.18 -0.10
CA VAL C 111 17.26 -14.46 0.90
C VAL C 111 16.39 -13.84 1.99
N ASP C 112 16.00 -14.64 2.99
CA ASP C 112 15.00 -14.29 4.01
C ASP C 112 15.19 -15.07 5.34
N PRO C 113 15.46 -14.42 6.49
CA PRO C 113 15.63 -15.10 7.76
C PRO C 113 14.32 -15.50 8.42
N ALA C 114 13.18 -14.86 8.11
CA ALA C 114 11.96 -15.06 8.89
C ALA C 114 11.47 -16.51 8.93
N VAL C 115 11.72 -17.29 7.87
CA VAL C 115 11.31 -18.67 7.80
C VAL C 115 12.03 -19.51 8.85
N LEU C 116 13.23 -19.15 9.27
CA LEU C 116 14.03 -19.96 10.20
C LEU C 116 13.38 -20.12 11.58
N ASP C 117 12.52 -19.20 11.99
CA ASP C 117 11.79 -19.34 13.25
C ASP C 117 11.02 -20.66 13.27
N LYS C 118 10.43 -21.04 12.14
CA LYS C 118 9.67 -22.30 12.03
C LYS C 118 10.58 -23.51 12.23
N ALA C 119 11.82 -23.42 11.78
CA ALA C 119 12.82 -24.45 12.03
C ALA C 119 13.15 -24.47 13.53
N LEU C 120 13.37 -23.34 14.17
CA LEU C 120 13.59 -23.31 15.61
C LEU C 120 12.44 -23.96 16.37
N VAL C 121 11.19 -23.66 16.02
CA VAL C 121 10.04 -24.33 16.64
C VAL C 121 10.13 -25.85 16.51
N CYS C 122 10.38 -26.35 15.30
CA CYS C 122 10.56 -27.77 15.09
C CYS C 122 11.74 -28.38 15.88
N VAL C 123 12.84 -27.66 16.09
CA VAL C 123 13.95 -28.11 16.94
C VAL C 123 13.41 -28.32 18.37
N TYR C 124 12.71 -27.32 18.93
CA TYR C 124 12.15 -27.50 20.27
C TYR C 124 11.09 -28.59 20.30
N LEU C 125 10.32 -28.81 19.25
CA LEU C 125 9.40 -29.95 19.18
C LEU C 125 10.14 -31.30 19.18
N MET C 126 11.25 -31.42 18.48
CA MET C 126 12.05 -32.65 18.58
C MET C 126 12.79 -32.76 19.91
N LYS C 127 13.12 -31.67 20.58
CA LYS C 127 13.55 -31.65 21.97
C LYS C 127 12.48 -32.21 22.90
N GLU C 128 11.22 -31.84 22.71
CA GLU C 128 10.08 -32.38 23.43
C GLU C 128 9.90 -33.88 23.11
N LEU C 129 9.89 -34.26 21.84
CA LEU C 129 9.68 -35.65 21.44
C LEU C 129 10.85 -36.61 21.67
N GLY C 130 12.03 -36.06 22.00
CA GLY C 130 13.18 -36.83 22.48
C GLY C 130 14.22 -37.22 21.42
N MET C 131 14.56 -36.32 20.49
CA MET C 131 15.79 -36.43 19.71
C MET C 131 17.02 -36.35 20.65
N PRO C 132 18.13 -37.07 20.34
CA PRO C 132 19.36 -37.00 21.11
C PRO C 132 20.01 -35.62 21.09
N ASN C 133 20.65 -35.24 22.19
CA ASN C 133 21.30 -33.94 22.29
C ASN C 133 22.30 -33.66 21.17
N GLU C 134 23.03 -34.69 20.73
CA GLU C 134 24.00 -34.61 19.63
C GLU C 134 23.35 -34.28 18.29
N GLU C 135 22.20 -34.88 18.02
CA GLU C 135 21.43 -34.60 16.79
C GLU C 135 20.77 -33.20 16.87
N LEU C 136 20.26 -32.81 18.03
CA LEU C 136 19.78 -31.45 18.24
C LEU C 136 20.90 -30.45 17.98
N ILE C 137 22.08 -30.71 18.54
CA ILE C 137 23.28 -29.91 18.31
C ILE C 137 23.61 -29.82 16.82
N LYS C 138 23.53 -30.90 16.06
CA LYS C 138 23.72 -30.87 14.61
C LYS C 138 22.80 -29.83 13.93
N LEU C 139 21.50 -29.89 14.19
CA LEU C 139 20.56 -28.91 13.61
C LEU C 139 20.82 -27.49 14.12
N LEU C 140 21.16 -27.36 15.40
CA LEU C 140 21.47 -26.04 15.97
C LEU C 140 22.73 -25.45 15.34
N GLU C 141 23.80 -26.22 15.15
CA GLU C 141 24.96 -25.74 14.43
C GLU C 141 24.58 -25.29 13.01
N GLU C 142 23.82 -26.11 12.28
CA GLU C 142 23.39 -25.76 10.94
C GLU C 142 22.57 -24.46 10.91
N LEU C 143 21.61 -24.30 11.83
CA LEU C 143 20.76 -23.11 11.83
C LEU C 143 21.51 -21.90 12.35
N VAL C 144 22.48 -22.07 13.26
CA VAL C 144 23.44 -21.01 13.53
C VAL C 144 24.19 -20.67 12.23
N GLU C 145 24.55 -21.62 11.38
CA GLU C 145 25.20 -21.31 10.09
C GLU C 145 24.32 -20.43 9.20
N VAL C 146 23.07 -20.84 8.90
CA VAL C 146 22.21 -20.05 8.01
C VAL C 146 21.82 -18.70 8.60
N LEU C 147 21.66 -18.60 9.92
CA LEU C 147 21.53 -17.30 10.56
C LEU C 147 22.76 -16.42 10.32
N ARG C 148 23.97 -16.96 10.50
CA ARG C 148 25.22 -16.22 10.30
C ARG C 148 25.28 -15.72 8.86
N ILE C 149 24.99 -16.58 7.87
CA ILE C 149 25.09 -16.23 6.45
C ILE C 149 24.10 -15.09 6.12
N LEU C 150 22.82 -15.22 6.46
CA LEU C 150 21.84 -14.15 6.21
C LEU C 150 22.12 -12.87 6.99
N ALA C 151 22.68 -12.93 8.18
CA ALA C 151 23.09 -11.73 8.90
C ALA C 151 24.07 -10.94 8.06
N LEU C 152 25.03 -11.61 7.41
CA LEU C 152 25.99 -10.95 6.52
C LEU C 152 25.38 -10.49 5.19
N ILE C 153 24.64 -11.35 4.51
CA ILE C 153 24.15 -11.06 3.15
C ILE C 153 23.13 -9.92 3.13
N ARG C 154 22.24 -9.84 4.14
CA ARG C 154 21.10 -8.93 4.16
C ARG C 154 20.99 -8.33 5.55
N VAL C 155 21.74 -7.26 5.72
CA VAL C 155 22.22 -6.77 7.01
C VAL C 155 21.10 -6.37 7.97
N ASP C 156 21.13 -6.92 9.18
CA ASP C 156 20.25 -6.59 10.34
C ASP C 156 20.89 -7.15 11.62
N LYS C 157 21.10 -6.35 12.66
CA LYS C 157 21.74 -6.82 13.89
C LYS C 157 20.97 -7.92 14.60
N ARG C 158 19.64 -7.92 14.52
CA ARG C 158 18.77 -8.71 15.40
C ARG C 158 18.90 -10.20 15.19
N VAL C 159 19.11 -10.61 13.94
CA VAL C 159 19.16 -12.03 13.56
C VAL C 159 20.20 -12.80 14.40
N LEU C 160 21.34 -12.15 14.66
CA LEU C 160 22.43 -12.78 15.39
C LEU C 160 22.09 -13.20 16.82
N ASP C 161 21.20 -12.47 17.52
CA ASP C 161 20.85 -12.80 18.88
C ASP C 161 20.11 -14.15 18.96
N LYS C 162 19.29 -14.49 17.93
CA LYS C 162 18.65 -15.82 17.90
C LYS C 162 19.70 -16.92 17.88
N ALA C 163 20.76 -16.70 17.11
CA ALA C 163 21.86 -17.64 17.07
C ALA C 163 22.56 -17.74 18.42
N GLU C 164 22.79 -16.63 19.11
CA GLU C 164 23.32 -16.69 20.48
C GLU C 164 22.43 -17.52 21.40
N VAL C 165 21.10 -17.33 21.35
CA VAL C 165 20.18 -18.15 22.13
C VAL C 165 20.35 -19.63 21.74
N CYS C 166 20.49 -19.94 20.45
CA CYS C 166 20.66 -21.30 19.99
C CYS C 166 22.01 -21.92 20.37
N ILE C 167 23.05 -21.10 20.53
CA ILE C 167 24.31 -21.56 21.12
C ILE C 167 24.07 -21.89 22.60
N GLU C 168 23.32 -21.09 23.34
CA GLU C 168 22.96 -21.41 24.71
C GLU C 168 22.13 -22.71 24.82
N GLU C 169 21.29 -23.04 23.82
CA GLU C 169 20.68 -24.39 23.76
C GLU C 169 21.74 -25.48 23.57
N MET C 170 22.77 -25.31 22.72
CA MET C 170 23.81 -26.31 22.60
C MET C 170 24.60 -26.44 23.92
N GLU C 171 24.83 -25.32 24.61
CA GLU C 171 25.46 -25.30 25.93
C GLU C 171 24.60 -26.07 26.94
N GLU C 172 23.29 -25.87 26.93
CA GLU C 172 22.35 -26.64 27.76
C GLU C 172 22.30 -28.14 27.41
N LEU C 173 22.37 -28.49 26.15
CA LEU C 173 22.47 -29.85 25.66
C LEU C 173 23.85 -30.48 25.93
N GLY C 174 24.83 -29.64 26.24
CA GLY C 174 26.19 -30.01 26.53
C GLY C 174 27.07 -30.11 25.27
N MET C 175 27.98 -29.13 25.08
CA MET C 175 28.90 -29.05 23.93
C MET C 175 30.28 -28.60 24.40
N PRO C 176 31.42 -29.14 23.90
CA PRO C 176 32.76 -28.71 24.29
C PRO C 176 32.96 -27.20 24.11
N GLU C 177 33.40 -26.52 25.17
CA GLU C 177 33.32 -25.05 25.27
C GLU C 177 34.21 -24.32 24.28
N GLU C 178 35.28 -24.93 23.84
CA GLU C 178 36.11 -24.40 22.73
C GLU C 178 35.29 -24.19 21.45
N LYS C 179 34.31 -25.06 21.16
CA LYS C 179 33.40 -24.93 20.02
C LYS C 179 32.44 -23.77 20.25
N ILE C 180 31.88 -23.67 21.45
CA ILE C 180 31.01 -22.53 21.83
C ILE C 180 31.79 -21.21 21.63
N LYS C 181 33.04 -21.14 22.11
CA LYS C 181 33.93 -20.00 21.94
C LYS C 181 34.23 -19.71 20.48
N GLU C 182 34.52 -20.71 19.65
CA GLU C 182 34.69 -20.47 18.21
C GLU C 182 33.44 -19.82 17.59
N LEU C 183 32.27 -20.39 17.85
CA LEU C 183 31.04 -19.86 17.30
C LEU C 183 30.81 -18.43 17.79
N ARG C 184 30.93 -18.18 19.10
CA ARG C 184 30.79 -16.82 19.65
C ARG C 184 31.74 -15.84 19.01
N GLU C 185 33.00 -16.20 18.78
CA GLU C 185 33.95 -15.30 18.15
C GLU C 185 33.51 -14.95 16.71
N GLU C 186 33.09 -15.93 15.94
CA GLU C 186 32.55 -15.70 14.59
C GLU C 186 31.34 -14.77 14.64
N LEU C 187 30.42 -15.01 15.57
CA LEU C 187 29.21 -14.19 15.68
C LEU C 187 29.50 -12.76 16.13
N LYS C 188 30.35 -12.57 17.12
CA LYS C 188 30.72 -11.20 17.51
C LYS C 188 31.53 -10.53 16.40
N PHE C 189 32.34 -11.21 15.61
CA PHE C 189 32.91 -10.64 14.39
C PHE C 189 31.81 -10.15 13.43
N VAL C 190 30.74 -10.91 13.23
CA VAL C 190 29.60 -10.47 12.43
C VAL C 190 28.90 -9.25 13.05
N ARG C 191 28.69 -9.17 14.37
CA ARG C 191 28.18 -7.94 15.01
C ARG C 191 29.11 -6.75 14.78
N GLU C 192 30.40 -6.93 14.92
CA GLU C 192 31.37 -5.85 14.70
C GLU C 192 31.34 -5.30 13.27
N ILE C 193 30.97 -6.12 12.28
CA ILE C 193 30.71 -5.66 10.92
C ILE C 193 29.33 -4.99 10.80
N LEU C 194 28.27 -5.52 11.39
CA LEU C 194 26.95 -4.88 11.44
C LEU C 194 26.94 -3.58 12.24
N ASP C 195 27.98 -3.26 13.02
CA ASP C 195 28.19 -1.93 13.58
C ASP C 195 28.57 -0.90 12.53
N LYS C 196 29.11 -1.34 11.39
CA LYS C 196 29.51 -0.49 10.26
C LYS C 196 28.35 -0.18 9.29
N ILE C 197 27.13 -0.04 9.85
CA ILE C 197 25.82 0.11 9.14
C ILE C 197 24.93 1.08 9.92
N MET D 1 23.37 -43.37 -8.96
CA MET D 1 23.76 -42.01 -8.53
C MET D 1 24.18 -41.14 -9.71
N GLU D 2 25.22 -41.51 -10.47
CA GLU D 2 25.81 -40.67 -11.51
C GLU D 2 24.84 -40.22 -12.61
N GLU D 3 23.76 -40.99 -12.87
CA GLU D 3 22.69 -40.62 -13.83
C GLU D 3 22.01 -39.34 -13.32
N LYS D 4 21.58 -39.33 -12.05
CA LYS D 4 20.99 -38.13 -11.43
C LYS D 4 21.97 -36.97 -11.47
N ILE D 5 23.23 -37.22 -11.12
CA ILE D 5 24.25 -36.17 -11.11
C ILE D 5 24.37 -35.54 -12.51
N LYS D 6 24.51 -36.38 -13.55
CA LYS D 6 24.58 -35.86 -14.93
C LYS D 6 23.30 -35.17 -15.39
N GLU D 7 22.13 -35.70 -15.05
CA GLU D 7 20.86 -35.06 -15.39
C GLU D 7 20.70 -33.73 -14.69
N LEU D 8 21.22 -33.58 -13.46
CA LEU D 8 21.26 -32.30 -12.74
C LEU D 8 22.24 -31.33 -13.45
N GLU D 9 23.39 -31.80 -13.94
CA GLU D 9 24.28 -30.97 -14.74
C GLU D 9 23.57 -30.49 -16.02
N GLU D 10 22.88 -31.40 -16.74
CA GLU D 10 22.05 -31.05 -17.86
C GLU D 10 20.98 -30.04 -17.48
N LYS D 11 20.29 -30.21 -16.33
CA LYS D 11 19.31 -29.21 -15.86
C LYS D 11 19.98 -27.86 -15.67
N VAL D 12 21.14 -27.80 -15.01
CA VAL D 12 21.92 -26.56 -14.85
C VAL D 12 22.22 -25.92 -16.21
N GLU D 13 22.78 -26.70 -17.14
CA GLU D 13 23.07 -26.24 -18.51
C GLU D 13 21.82 -25.67 -19.20
N GLU D 14 20.72 -26.40 -19.22
CA GLU D 14 19.47 -26.01 -19.88
C GLU D 14 18.88 -24.76 -19.27
N LEU D 15 18.83 -24.69 -17.94
CA LEU D 15 18.37 -23.52 -17.20
C LEU D 15 19.28 -22.29 -17.44
N VAL D 16 20.59 -22.45 -17.50
CA VAL D 16 21.50 -21.33 -17.82
C VAL D 16 21.22 -20.76 -19.21
N LYS D 17 21.06 -21.61 -20.20
CA LYS D 17 20.74 -21.15 -21.56
C LYS D 17 19.37 -20.47 -21.59
N GLU D 18 18.36 -21.05 -20.95
CA GLU D 18 17.01 -20.45 -20.86
C GLU D 18 17.07 -19.09 -20.14
N ALA D 19 17.74 -19.02 -18.98
CA ALA D 19 17.85 -17.79 -18.20
C ALA D 19 18.41 -16.63 -18.99
N LEU D 20 19.47 -16.87 -19.76
CA LEU D 20 20.07 -15.83 -20.57
C LEU D 20 19.14 -15.29 -21.68
N GLU D 21 18.21 -16.07 -22.20
CA GLU D 21 17.20 -15.61 -23.13
C GLU D 21 16.02 -14.94 -22.41
N LYS D 22 15.56 -15.51 -21.29
CA LYS D 22 14.37 -15.00 -20.57
C LYS D 22 14.69 -13.78 -19.71
N LYS D 23 15.95 -13.55 -19.35
CA LYS D 23 16.41 -12.46 -18.48
C LYS D 23 15.65 -12.45 -17.12
N ASP D 24 15.77 -13.53 -16.34
CA ASP D 24 15.17 -13.58 -14.98
C ASP D 24 15.90 -14.55 -14.03
N PRO D 25 16.32 -14.13 -12.82
CA PRO D 25 17.03 -14.98 -11.90
C PRO D 25 16.20 -16.17 -11.40
N ALA D 26 14.87 -16.23 -11.51
CA ALA D 26 14.08 -17.37 -11.06
C ALA D 26 14.51 -18.67 -11.76
N VAL D 27 14.90 -18.61 -13.05
CA VAL D 27 15.46 -19.77 -13.77
C VAL D 27 16.76 -20.25 -13.05
N LEU D 28 17.61 -19.31 -12.63
CA LEU D 28 18.84 -19.65 -11.90
C LEU D 28 18.59 -20.09 -10.46
N LYS D 29 17.58 -19.60 -9.77
CA LYS D 29 17.23 -20.15 -8.46
C LYS D 29 16.99 -21.64 -8.58
N LYS D 30 16.25 -22.07 -9.60
CA LYS D 30 16.00 -23.48 -9.92
C LYS D 30 17.30 -24.24 -10.16
N ALA D 31 18.24 -23.65 -10.89
CA ALA D 31 19.54 -24.25 -11.10
C ALA D 31 20.32 -24.40 -9.76
N LEU D 32 20.24 -23.42 -8.85
CA LEU D 32 20.89 -23.54 -7.56
C LEU D 32 20.21 -24.60 -6.70
N VAL D 33 18.89 -24.74 -6.74
CA VAL D 33 18.21 -25.86 -6.07
C VAL D 33 18.81 -27.17 -6.54
N CYS D 34 19.00 -27.32 -7.83
CA CYS D 34 19.61 -28.51 -8.40
C CYS D 34 21.06 -28.69 -7.98
N VAL D 35 21.85 -27.61 -7.91
CA VAL D 35 23.21 -27.65 -7.35
C VAL D 35 23.22 -28.12 -5.91
N TYR D 36 22.29 -27.66 -5.09
CA TYR D 36 22.19 -28.15 -3.73
C TYR D 36 21.83 -29.64 -3.64
N GLU D 37 20.98 -30.18 -4.52
CA GLU D 37 20.80 -31.64 -4.64
C GLU D 37 22.10 -32.33 -5.09
N MET D 38 22.83 -31.82 -6.09
CA MET D 38 24.12 -32.39 -6.50
C MET D 38 25.15 -32.42 -5.38
N LYS D 39 25.13 -31.37 -4.55
CA LYS D 39 25.96 -31.28 -3.35
C LYS D 39 25.58 -32.36 -2.32
N LYS D 40 24.30 -32.59 -2.05
CA LYS D 40 23.85 -33.65 -1.17
C LYS D 40 24.19 -35.04 -1.73
N LEU D 41 24.18 -35.23 -3.07
CA LEU D 41 24.64 -36.48 -3.68
C LEU D 41 26.18 -36.65 -3.61
N GLY D 42 26.96 -35.66 -3.16
CA GLY D 42 28.39 -35.87 -2.92
C GLY D 42 29.25 -35.99 -4.18
N MET D 43 28.86 -35.33 -5.27
CA MET D 43 29.75 -35.22 -6.46
C MET D 43 31.09 -34.50 -6.13
N PRO D 44 32.09 -34.50 -7.05
CA PRO D 44 33.42 -33.93 -6.75
C PRO D 44 33.35 -32.47 -6.32
N ASN D 45 33.99 -32.11 -5.21
CA ASN D 45 33.89 -30.75 -4.64
C ASN D 45 34.38 -29.68 -5.61
N GLU D 46 35.39 -29.98 -6.40
CA GLU D 46 35.91 -29.09 -7.44
C GLU D 46 34.88 -28.91 -8.56
N LYS D 47 34.18 -29.96 -8.99
CA LYS D 47 33.07 -29.80 -9.95
C LYS D 47 31.99 -28.91 -9.38
N LEU D 48 31.63 -29.07 -8.10
CA LEU D 48 30.66 -28.18 -7.47
C LEU D 48 31.15 -26.73 -7.44
N ILE D 49 32.43 -26.52 -7.13
CA ILE D 49 33.04 -25.17 -7.20
C ILE D 49 32.94 -24.60 -8.61
N GLU D 50 33.26 -25.37 -9.65
CA GLU D 50 33.14 -24.89 -11.03
C GLU D 50 31.69 -24.70 -11.47
N LEU D 51 30.75 -25.49 -10.97
CA LEU D 51 29.33 -25.29 -11.27
C LEU D 51 28.83 -23.99 -10.63
N LEU D 52 29.22 -23.71 -9.39
CA LEU D 52 28.91 -22.45 -8.70
C LEU D 52 29.56 -21.28 -9.45
N LYS D 53 30.82 -21.41 -9.89
CA LYS D 53 31.48 -20.42 -10.76
C LYS D 53 30.67 -20.19 -12.03
N LYS D 54 30.24 -21.25 -12.70
CA LYS D 54 29.39 -21.19 -13.89
C LYS D 54 27.96 -20.70 -13.62
N LEU D 55 27.60 -20.40 -12.37
CA LEU D 55 26.44 -19.55 -12.07
C LEU D 55 26.82 -18.11 -11.68
N VAL D 56 27.85 -17.89 -10.86
CA VAL D 56 28.33 -16.54 -10.55
C VAL D 56 28.60 -15.77 -11.85
N GLU D 57 29.33 -16.39 -12.78
CA GLU D 57 29.74 -15.80 -14.06
C GLU D 57 28.60 -15.77 -15.09
N VAL D 58 27.36 -16.00 -14.65
CA VAL D 58 26.14 -15.76 -15.44
C VAL D 58 25.19 -14.82 -14.67
N LEU D 59 25.15 -14.89 -13.34
CA LEU D 59 24.39 -13.92 -12.52
C LEU D 59 24.81 -12.48 -12.78
N LYS D 60 26.11 -12.20 -12.90
CA LYS D 60 26.60 -10.86 -13.23
C LYS D 60 26.08 -10.37 -14.58
N LYS D 61 26.14 -11.17 -15.65
CA LYS D 61 25.60 -10.78 -16.97
C LYS D 61 24.12 -10.46 -16.85
N LEU D 62 23.33 -11.29 -16.19
CA LEU D 62 21.91 -11.04 -15.97
C LEU D 62 21.70 -9.71 -15.22
N ALA D 63 22.46 -9.48 -14.14
CA ALA D 63 22.35 -8.30 -13.30
C ALA D 63 22.69 -6.98 -14.03
N LEU D 64 23.60 -7.01 -15.00
CA LEU D 64 23.86 -5.86 -15.88
C LEU D 64 22.80 -5.74 -16.99
N GLU D 65 22.47 -6.81 -17.72
CA GLU D 65 21.70 -6.69 -18.95
C GLU D 65 20.22 -6.32 -18.73
N ARG D 66 19.70 -6.49 -17.51
CA ARG D 66 18.61 -5.69 -16.97
C ARG D 66 18.94 -5.30 -15.55
N VAL D 67 18.79 -4.02 -15.20
CA VAL D 67 19.31 -3.49 -13.95
C VAL D 67 18.37 -3.67 -12.76
N ASP D 68 18.67 -4.62 -11.90
CA ASP D 68 18.21 -4.69 -10.51
C ASP D 68 19.27 -5.36 -9.62
N PRO D 69 19.33 -5.06 -8.30
CA PRO D 69 20.43 -5.53 -7.45
C PRO D 69 20.26 -6.94 -6.92
N ALA D 70 19.01 -7.40 -6.76
CA ALA D 70 18.71 -8.60 -5.99
C ALA D 70 19.31 -9.90 -6.57
N VAL D 71 19.50 -9.97 -7.88
CA VAL D 71 20.20 -11.06 -8.58
C VAL D 71 21.56 -11.36 -7.92
N LEU D 72 22.27 -10.35 -7.42
CA LEU D 72 23.61 -10.54 -6.84
C LEU D 72 23.58 -11.26 -5.51
N ASP D 73 22.45 -11.27 -4.81
CA ASP D 73 22.37 -11.88 -3.49
C ASP D 73 22.63 -13.39 -3.56
N LEU D 74 22.13 -14.05 -4.62
CA LEU D 74 22.49 -15.43 -4.94
C LEU D 74 24.01 -15.57 -5.06
N ALA D 75 24.64 -14.68 -5.80
CA ALA D 75 26.08 -14.77 -6.01
C ALA D 75 26.83 -14.69 -4.69
N LEU D 76 26.46 -13.75 -3.83
CA LEU D 76 27.10 -13.55 -2.57
C LEU D 76 26.93 -14.80 -1.69
N VAL D 77 25.77 -15.45 -1.71
CA VAL D 77 25.58 -16.74 -1.06
C VAL D 77 26.52 -17.82 -1.61
N CYS D 78 26.54 -17.98 -2.93
CA CYS D 78 27.40 -18.98 -3.57
C CYS D 78 28.90 -18.74 -3.32
N VAL D 79 29.35 -17.50 -3.13
CA VAL D 79 30.74 -17.26 -2.69
C VAL D 79 30.99 -18.01 -1.37
N TYR D 80 30.14 -17.91 -0.37
CA TYR D 80 30.35 -18.67 0.85
C TYR D 80 30.20 -20.18 0.65
N GLU D 81 29.34 -20.64 -0.26
CA GLU D 81 29.29 -22.05 -0.62
C GLU D 81 30.62 -22.54 -1.19
N MET D 82 31.23 -21.79 -2.09
CA MET D 82 32.57 -22.09 -2.58
C MET D 82 33.63 -22.00 -1.46
N LYS D 83 33.54 -21.04 -0.53
CA LYS D 83 34.40 -21.02 0.66
C LYS D 83 34.30 -22.33 1.42
N GLU D 84 33.09 -22.79 1.69
CA GLU D 84 32.87 -24.00 2.48
C GLU D 84 33.37 -25.27 1.75
N LEU D 85 33.09 -25.37 0.44
CA LEU D 85 33.66 -26.42 -0.41
C LEU D 85 35.20 -26.38 -0.52
N GLY D 86 35.87 -25.33 -0.03
CA GLY D 86 37.34 -25.24 0.02
C GLY D 86 38.02 -24.66 -1.22
N MET D 87 37.32 -23.79 -1.95
CA MET D 87 37.89 -23.04 -3.09
C MET D 87 39.11 -22.23 -2.59
N PRO D 88 40.21 -22.17 -3.35
CA PRO D 88 41.40 -21.41 -2.96
C PRO D 88 41.16 -19.92 -2.71
N ASN D 89 41.81 -19.36 -1.68
CA ASN D 89 41.55 -18.00 -1.22
C ASN D 89 41.67 -16.92 -2.31
N GLU D 90 42.62 -17.06 -3.24
CA GLU D 90 42.79 -16.12 -4.33
C GLU D 90 41.59 -16.10 -5.31
N GLU D 91 40.93 -17.25 -5.53
CA GLU D 91 39.69 -17.22 -6.29
C GLU D 91 38.56 -16.45 -5.59
N LEU D 92 38.41 -16.60 -4.27
CA LEU D 92 37.44 -15.84 -3.50
C LEU D 92 37.73 -14.34 -3.65
N ILE D 93 38.98 -13.95 -3.37
CA ILE D 93 39.40 -12.58 -3.46
C ILE D 93 39.14 -12.04 -4.88
N LYS D 94 39.44 -12.81 -5.93
CA LYS D 94 39.20 -12.41 -7.34
C LYS D 94 37.70 -12.20 -7.58
N LEU D 95 36.85 -13.18 -7.27
CA LEU D 95 35.42 -13.09 -7.50
C LEU D 95 34.78 -11.96 -6.68
N LEU D 96 35.19 -11.78 -5.44
CA LEU D 96 34.70 -10.72 -4.60
C LEU D 96 35.13 -9.36 -5.15
N LYS D 97 36.37 -9.17 -5.61
CA LYS D 97 36.71 -7.96 -6.37
C LYS D 97 35.74 -7.76 -7.53
N GLU D 98 35.51 -8.79 -8.33
CA GLU D 98 34.57 -8.70 -9.42
C GLU D 98 33.14 -8.24 -9.00
N LEU D 99 32.57 -8.77 -7.92
CA LEU D 99 31.24 -8.39 -7.47
C LEU D 99 31.22 -6.97 -6.92
N VAL D 100 32.25 -6.56 -6.17
CA VAL D 100 32.38 -5.16 -5.77
C VAL D 100 32.33 -4.31 -7.04
N GLU D 101 33.05 -4.75 -8.05
CA GLU D 101 33.14 -4.10 -9.36
C GLU D 101 31.89 -4.27 -10.26
N VAL D 102 30.79 -4.86 -9.79
CA VAL D 102 29.46 -4.72 -10.40
C VAL D 102 28.52 -3.94 -9.50
N LEU D 103 28.66 -4.06 -8.18
CA LEU D 103 27.90 -3.22 -7.26
C LEU D 103 28.13 -1.73 -7.56
N ARG D 104 29.37 -1.29 -7.77
CA ARG D 104 29.65 0.10 -8.19
C ARG D 104 28.76 0.54 -9.33
N ILE D 105 28.89 -0.07 -10.52
CA ILE D 105 28.20 0.40 -11.73
C ILE D 105 26.67 0.29 -11.60
N LEU D 106 26.14 -0.74 -10.93
CA LEU D 106 24.70 -0.80 -10.72
C LEU D 106 24.18 0.20 -9.69
N ALA D 107 24.91 0.47 -8.61
CA ALA D 107 24.54 1.46 -7.61
C ALA D 107 24.47 2.87 -8.21
N LEU D 108 25.45 3.22 -9.05
CA LEU D 108 25.42 4.44 -9.85
C LEU D 108 24.20 4.49 -10.77
N ILE D 109 24.04 3.56 -11.69
CA ILE D 109 23.02 3.73 -12.73
C ILE D 109 21.56 3.63 -12.23
N ASN D 110 21.30 2.85 -11.17
CA ASN D 110 19.99 2.80 -10.53
C ASN D 110 19.78 3.98 -9.56
N VAL D 111 20.78 4.82 -9.32
CA VAL D 111 20.82 5.88 -8.31
C VAL D 111 20.25 5.44 -6.99
N ASP D 112 20.86 4.43 -6.37
CA ASP D 112 20.39 3.81 -5.12
C ASP D 112 21.52 3.60 -4.10
N PRO D 113 21.62 4.36 -2.98
CA PRO D 113 22.71 4.21 -2.04
C PRO D 113 22.62 2.94 -1.19
N ALA D 114 21.43 2.37 -1.04
CA ALA D 114 21.16 1.27 -0.11
C ALA D 114 21.92 -0.01 -0.50
N VAL D 115 22.16 -0.25 -1.80
CA VAL D 115 22.86 -1.47 -2.21
C VAL D 115 24.31 -1.49 -1.75
N LEU D 116 24.94 -0.33 -1.60
CA LEU D 116 26.37 -0.25 -1.29
C LEU D 116 26.78 -0.90 0.04
N ASP D 117 25.84 -1.12 0.95
CA ASP D 117 26.08 -1.83 2.19
C ASP D 117 26.64 -3.24 1.91
N LYS D 118 26.15 -3.90 0.85
CA LYS D 118 26.65 -5.25 0.46
C LYS D 118 28.11 -5.17 0.04
N ALA D 119 28.50 -4.09 -0.62
CA ALA D 119 29.88 -3.86 -0.98
C ALA D 119 30.72 -3.71 0.28
N LEU D 120 30.28 -2.94 1.27
CA LEU D 120 31.04 -2.74 2.50
C LEU D 120 31.21 -4.08 3.25
N VAL D 121 30.19 -4.91 3.29
CA VAL D 121 30.30 -6.26 3.84
C VAL D 121 31.38 -7.06 3.11
N CYS D 122 31.37 -7.07 1.77
CA CYS D 122 32.36 -7.81 1.00
C CYS D 122 33.80 -7.25 1.20
N VAL D 123 33.93 -5.94 1.38
CA VAL D 123 35.20 -5.31 1.79
C VAL D 123 35.71 -5.90 3.10
N TYR D 124 34.92 -5.88 4.15
CA TYR D 124 35.33 -6.48 5.40
C TYR D 124 35.54 -8.00 5.28
N LEU D 125 34.81 -8.74 4.43
CA LEU D 125 35.11 -10.14 4.16
C LEU D 125 36.52 -10.30 3.53
N MET D 126 36.90 -9.47 2.57
CA MET D 126 38.27 -9.51 2.04
C MET D 126 39.29 -8.98 3.05
N LYS D 127 38.88 -8.18 4.05
CA LYS D 127 39.74 -7.85 5.18
C LYS D 127 40.00 -9.10 6.06
N GLU D 128 38.98 -9.92 6.29
CA GLU D 128 39.12 -11.22 6.98
C GLU D 128 40.03 -12.19 6.18
N LEU D 129 39.76 -12.35 4.88
CA LEU D 129 40.55 -13.26 4.04
C LEU D 129 41.94 -12.72 3.65
N GLY D 130 42.14 -11.41 3.81
CA GLY D 130 43.35 -10.69 3.45
C GLY D 130 43.35 -10.21 1.99
N MET D 131 43.85 -8.98 1.79
CA MET D 131 44.08 -8.35 0.51
C MET D 131 45.29 -7.38 0.66
N PRO D 132 46.06 -7.06 -0.40
CA PRO D 132 47.11 -6.06 -0.32
C PRO D 132 46.56 -4.68 0.09
N ASN D 133 47.15 -4.05 1.10
CA ASN D 133 46.48 -3.00 1.86
C ASN D 133 45.94 -1.83 1.01
N GLU D 134 46.74 -1.38 0.04
CA GLU D 134 46.35 -0.30 -0.86
C GLU D 134 45.13 -0.67 -1.73
N GLU D 135 44.85 -1.95 -2.01
CA GLU D 135 43.69 -2.38 -2.77
C GLU D 135 42.42 -2.25 -1.93
N LEU D 136 42.45 -2.50 -0.62
CA LEU D 136 41.33 -2.17 0.25
C LEU D 136 41.05 -0.67 0.22
N ILE D 137 42.10 0.14 0.33
CA ILE D 137 42.01 1.59 0.27
C ILE D 137 41.46 2.02 -1.09
N LYS D 138 41.82 1.39 -2.19
CA LYS D 138 41.25 1.71 -3.50
C LYS D 138 39.73 1.46 -3.47
N LEU D 139 39.30 0.27 -3.06
CA LEU D 139 37.87 -0.02 -3.05
C LEU D 139 37.09 0.86 -2.06
N LEU D 140 37.67 1.19 -0.92
CA LEU D 140 37.09 2.12 0.01
C LEU D 140 37.06 3.54 -0.58
N GLU D 141 38.08 4.01 -1.30
CA GLU D 141 38.03 5.31 -1.96
C GLU D 141 36.92 5.33 -3.03
N GLU D 142 36.87 4.31 -3.87
CA GLU D 142 35.80 4.17 -4.85
C GLU D 142 34.41 4.21 -4.21
N LEU D 143 34.18 3.43 -3.17
CA LEU D 143 32.86 3.42 -2.55
C LEU D 143 32.59 4.72 -1.83
N VAL D 144 33.61 5.36 -1.25
CA VAL D 144 33.48 6.73 -0.78
C VAL D 144 33.06 7.66 -1.93
N GLU D 145 33.54 7.48 -3.18
CA GLU D 145 33.04 8.26 -4.30
C GLU D 145 31.59 7.95 -4.64
N VAL D 146 31.17 6.69 -4.75
CA VAL D 146 29.74 6.44 -5.07
C VAL D 146 28.83 6.94 -3.96
N LEU D 147 29.25 6.81 -2.69
CA LEU D 147 28.56 7.43 -1.57
C LEU D 147 28.47 8.95 -1.73
N ARG D 148 29.56 9.64 -2.07
CA ARG D 148 29.55 11.08 -2.27
C ARG D 148 28.60 11.46 -3.39
N ILE D 149 28.64 10.79 -4.54
CA ILE D 149 27.79 11.12 -5.66
C ILE D 149 26.30 10.92 -5.28
N LEU D 150 25.96 9.78 -4.70
CA LEU D 150 24.59 9.54 -4.29
C LEU D 150 24.14 10.42 -3.13
N ALA D 151 25.04 10.90 -2.28
CA ALA D 151 24.67 11.93 -1.29
C ALA D 151 24.29 13.26 -1.97
N LEU D 152 24.79 13.54 -3.15
CA LEU D 152 24.37 14.72 -3.92
C LEU D 152 23.03 14.44 -4.67
N ILE D 153 22.90 13.30 -5.33
CA ILE D 153 21.68 13.01 -6.12
C ILE D 153 20.45 12.71 -5.23
N ARG D 154 20.61 11.98 -4.12
CA ARG D 154 19.58 11.81 -3.09
C ARG D 154 19.92 12.70 -1.90
N VAL D 155 19.01 13.59 -1.52
CA VAL D 155 19.21 14.47 -0.36
C VAL D 155 18.94 13.71 0.95
N ASP D 156 20.00 13.19 1.59
CA ASP D 156 19.93 12.46 2.87
C ASP D 156 21.30 12.50 3.58
N LYS D 157 21.38 13.12 4.75
CA LYS D 157 22.63 13.34 5.49
C LYS D 157 23.37 12.06 5.86
N ARG D 158 22.66 10.95 6.06
CA ARG D 158 23.20 9.74 6.69
C ARG D 158 24.30 9.05 5.89
N VAL D 159 24.24 9.20 4.58
CA VAL D 159 25.15 8.55 3.64
C VAL D 159 26.59 8.99 3.88
N LEU D 160 26.82 10.24 4.20
CA LEU D 160 28.17 10.74 4.46
C LEU D 160 28.79 10.14 5.72
N ASP D 161 28.00 9.78 6.72
CA ASP D 161 28.54 9.16 7.94
C ASP D 161 29.13 7.77 7.64
N LYS D 162 28.48 6.96 6.78
CA LYS D 162 29.04 5.66 6.37
C LYS D 162 30.40 5.90 5.70
N ALA D 163 30.44 6.90 4.81
CA ALA D 163 31.68 7.23 4.14
C ALA D 163 32.75 7.68 5.14
N GLU D 164 32.39 8.48 6.14
CA GLU D 164 33.33 8.88 7.16
C GLU D 164 33.90 7.65 7.89
N VAL D 165 33.08 6.69 8.28
CA VAL D 165 33.56 5.43 8.87
C VAL D 165 34.54 4.73 7.93
N CYS D 166 34.21 4.65 6.64
CA CYS D 166 35.10 4.05 5.65
C CYS D 166 36.41 4.82 5.47
N ILE D 167 36.42 6.15 5.54
CA ILE D 167 37.65 6.94 5.59
C ILE D 167 38.46 6.56 6.81
N GLU D 168 37.83 6.40 7.96
CA GLU D 168 38.56 5.94 9.15
C GLU D 168 39.11 4.54 9.03
N GLU D 169 38.54 3.66 8.19
CA GLU D 169 39.23 2.42 7.83
C GLU D 169 40.47 2.67 6.98
N MET D 170 40.42 3.60 6.03
CA MET D 170 41.62 3.96 5.27
C MET D 170 42.70 4.56 6.17
N GLU D 171 42.28 5.30 7.20
CA GLU D 171 43.15 5.84 8.26
C GLU D 171 43.77 4.70 9.07
N GLU D 172 42.94 3.75 9.52
CA GLU D 172 43.41 2.58 10.25
C GLU D 172 44.42 1.77 9.44
N LEU D 173 44.18 1.66 8.13
CA LEU D 173 45.07 1.00 7.18
C LEU D 173 46.22 1.88 6.65
N GLY D 174 46.33 3.15 7.08
CA GLY D 174 47.55 3.92 7.00
C GLY D 174 47.86 4.63 5.67
N MET D 175 46.87 5.01 4.84
CA MET D 175 47.09 6.00 3.77
C MET D 175 47.43 7.38 4.37
N PRO D 176 48.32 8.22 3.77
CA PRO D 176 48.76 9.47 4.39
C PRO D 176 47.65 10.48 4.70
N GLU D 177 47.84 11.23 5.77
CA GLU D 177 46.81 12.07 6.41
C GLU D 177 46.35 13.25 5.53
N GLU D 178 47.20 13.79 4.66
CA GLU D 178 46.79 14.82 3.69
C GLU D 178 45.66 14.33 2.76
N LYS D 179 45.76 13.10 2.26
CA LYS D 179 44.73 12.49 1.41
C LYS D 179 43.43 12.33 2.22
N ILE D 180 43.52 11.91 3.48
CA ILE D 180 42.37 11.78 4.37
C ILE D 180 41.72 13.14 4.60
N LYS D 181 42.49 14.21 4.82
CA LYS D 181 41.94 15.54 4.95
C LYS D 181 41.30 16.05 3.67
N GLU D 182 41.84 15.75 2.48
CA GLU D 182 41.13 16.06 1.22
C GLU D 182 39.75 15.39 1.16
N LEU D 183 39.67 14.08 1.41
CA LEU D 183 38.39 13.38 1.44
C LEU D 183 37.43 13.97 2.48
N ARG D 184 37.92 14.25 3.68
CA ARG D 184 37.09 14.86 4.73
C ARG D 184 36.53 16.19 4.34
N GLU D 185 37.34 17.05 3.74
CA GLU D 185 36.90 18.39 3.32
C GLU D 185 35.77 18.25 2.29
N GLU D 186 35.94 17.40 1.29
CA GLU D 186 34.88 17.16 0.33
C GLU D 186 33.61 16.66 1.00
N LEU D 187 33.71 15.78 1.97
CA LEU D 187 32.49 15.30 2.63
C LEU D 187 31.82 16.34 3.53
N LYS D 188 32.57 17.12 4.34
CA LYS D 188 31.91 18.18 5.13
C LYS D 188 31.36 19.31 4.25
N PHE D 189 31.96 19.56 3.10
CA PHE D 189 31.35 20.38 2.05
C PHE D 189 29.96 19.85 1.64
N VAL D 190 29.85 18.56 1.33
CA VAL D 190 28.52 18.01 0.98
C VAL D 190 27.54 18.04 2.16
N ARG D 191 28.03 17.83 3.38
CA ARG D 191 27.20 18.00 4.59
C ARG D 191 26.70 19.42 4.76
N GLU D 192 27.54 20.41 4.51
CA GLU D 192 27.12 21.80 4.59
C GLU D 192 26.05 22.15 3.54
N ILE D 193 26.02 21.45 2.40
CA ILE D 193 24.91 21.56 1.42
C ILE D 193 23.64 20.87 1.95
N LEU D 194 23.74 19.61 2.36
CA LEU D 194 22.60 18.87 2.91
C LEU D 194 22.04 19.47 4.22
N ASP D 195 22.80 20.26 4.96
CA ASP D 195 22.30 21.07 6.07
C ASP D 195 21.22 22.06 5.64
N LYS D 196 21.22 22.50 4.40
CA LYS D 196 20.22 23.46 3.88
C LYS D 196 18.85 22.81 3.68
N ILE D 197 18.81 21.51 3.43
CA ILE D 197 17.71 20.82 2.74
C ILE D 197 16.77 20.11 3.74
N MET E 1 40.48 -5.07 -29.40
CA MET E 1 39.82 -4.04 -28.56
C MET E 1 38.83 -3.17 -29.33
N GLU E 2 39.30 -2.50 -30.38
CA GLU E 2 38.50 -1.51 -31.13
C GLU E 2 37.15 -2.04 -31.69
N GLU E 3 37.04 -3.35 -31.98
CA GLU E 3 35.82 -4.03 -32.41
C GLU E 3 34.72 -3.86 -31.34
N LYS E 4 35.05 -4.17 -30.08
CA LYS E 4 34.13 -3.96 -28.95
C LYS E 4 33.81 -2.49 -28.78
N ILE E 5 34.79 -1.59 -28.90
CA ILE E 5 34.53 -0.15 -28.85
C ILE E 5 33.49 0.27 -29.91
N LYS E 6 33.67 -0.13 -31.17
CA LYS E 6 32.69 0.22 -32.22
C LYS E 6 31.32 -0.41 -31.93
N GLU E 7 31.30 -1.68 -31.56
CA GLU E 7 30.05 -2.38 -31.21
C GLU E 7 29.33 -1.69 -30.04
N LEU E 8 30.07 -1.12 -29.09
CA LEU E 8 29.45 -0.38 -27.99
C LEU E 8 28.93 0.98 -28.50
N GLU E 9 29.64 1.69 -29.39
CA GLU E 9 29.14 2.89 -30.03
C GLU E 9 27.87 2.60 -30.85
N GLU E 10 27.85 1.47 -31.56
CA GLU E 10 26.67 0.97 -32.28
C GLU E 10 25.48 0.69 -31.37
N LYS E 11 25.73 0.01 -30.24
CA LYS E 11 24.72 -0.18 -29.19
C LYS E 11 24.21 1.16 -28.69
N VAL E 12 25.10 2.09 -28.39
CA VAL E 12 24.70 3.40 -27.91
C VAL E 12 23.80 4.11 -28.94
N GLU E 13 24.25 4.25 -30.19
CA GLU E 13 23.46 5.00 -31.16
C GLU E 13 22.14 4.28 -31.52
N GLU E 14 22.12 2.96 -31.63
CA GLU E 14 20.90 2.26 -31.99
C GLU E 14 19.87 2.24 -30.85
N LEU E 15 20.34 2.14 -29.59
CA LEU E 15 19.49 2.34 -28.43
C LEU E 15 19.00 3.79 -28.30
N VAL E 16 19.81 4.80 -28.65
CA VAL E 16 19.32 6.19 -28.69
C VAL E 16 18.16 6.34 -29.66
N LYS E 17 18.33 5.83 -30.89
CA LYS E 17 17.27 5.86 -31.92
C LYS E 17 16.02 5.10 -31.46
N GLU E 18 16.17 3.95 -30.83
CA GLU E 18 15.06 3.22 -30.22
C GLU E 18 14.37 4.02 -29.10
N ALA E 19 15.12 4.57 -28.15
CA ALA E 19 14.60 5.26 -26.96
C ALA E 19 13.72 6.41 -27.33
N LEU E 20 14.14 7.21 -28.33
CA LEU E 20 13.35 8.34 -28.81
C LEU E 20 11.95 7.90 -29.33
N GLU E 21 11.84 6.73 -29.93
CA GLU E 21 10.54 6.19 -30.36
C GLU E 21 9.73 5.55 -29.23
N LYS E 22 10.36 4.72 -28.40
CA LYS E 22 9.73 4.03 -27.25
C LYS E 22 9.35 4.96 -26.10
N LYS E 23 9.98 6.13 -26.00
CA LYS E 23 9.82 7.05 -24.89
C LYS E 23 10.02 6.41 -23.52
N ASP E 24 11.17 5.84 -23.23
CA ASP E 24 11.48 5.36 -21.85
C ASP E 24 13.00 5.41 -21.55
N PRO E 25 13.45 5.80 -20.35
CA PRO E 25 14.87 5.81 -19.98
C PRO E 25 15.50 4.42 -19.92
N ALA E 26 14.75 3.33 -19.74
CA ALA E 26 15.34 2.00 -19.59
C ALA E 26 16.17 1.59 -20.81
N VAL E 27 15.78 2.02 -22.01
CA VAL E 27 16.55 1.83 -23.24
C VAL E 27 17.91 2.55 -23.10
N LEU E 28 17.92 3.79 -22.60
CA LEU E 28 19.17 4.52 -22.41
C LEU E 28 20.00 3.99 -21.26
N LYS E 29 19.37 3.38 -20.25
CA LYS E 29 20.15 2.77 -19.17
C LYS E 29 21.14 1.75 -19.75
N LYS E 30 20.71 0.85 -20.65
CA LYS E 30 21.64 -0.07 -21.32
C LYS E 30 22.74 0.66 -22.10
N ALA E 31 22.42 1.76 -22.78
CA ALA E 31 23.45 2.53 -23.46
C ALA E 31 24.49 3.07 -22.46
N LEU E 32 24.04 3.56 -21.31
CA LEU E 32 24.93 4.07 -20.28
C LEU E 32 25.83 2.95 -19.71
N VAL E 33 25.29 1.75 -19.53
CA VAL E 33 26.12 0.56 -19.21
C VAL E 33 27.21 0.36 -20.27
N CYS E 34 26.84 0.44 -21.55
CA CYS E 34 27.78 0.33 -22.67
C CYS E 34 28.81 1.47 -22.69
N VAL E 35 28.43 2.68 -22.27
CA VAL E 35 29.39 3.78 -22.05
C VAL E 35 30.38 3.42 -20.94
N TYR E 36 29.94 2.89 -19.80
CA TYR E 36 30.88 2.45 -18.78
C TYR E 36 31.77 1.32 -19.30
N GLU E 37 31.24 0.40 -20.10
CA GLU E 37 32.11 -0.60 -20.73
C GLU E 37 33.16 0.03 -21.65
N MET E 38 32.81 1.04 -22.43
CA MET E 38 33.81 1.77 -23.23
C MET E 38 34.86 2.48 -22.38
N LYS E 39 34.49 3.05 -21.23
CA LYS E 39 35.48 3.56 -20.28
C LYS E 39 36.41 2.45 -19.80
N LYS E 40 35.85 1.29 -19.45
CA LYS E 40 36.64 0.15 -18.99
C LYS E 40 37.66 -0.29 -20.03
N LEU E 41 37.28 -0.25 -21.31
CA LEU E 41 38.15 -0.54 -22.47
C LEU E 41 39.13 0.60 -22.82
N GLY E 42 39.16 1.72 -22.09
CA GLY E 42 40.10 2.82 -22.34
C GLY E 42 39.84 3.62 -23.60
N MET E 43 38.57 3.76 -24.01
CA MET E 43 38.15 4.71 -25.04
C MET E 43 38.64 6.14 -24.71
N PRO E 44 39.04 7.00 -25.70
CA PRO E 44 39.59 8.32 -25.43
C PRO E 44 38.66 9.17 -24.55
N ASN E 45 39.22 9.90 -23.59
CA ASN E 45 38.44 10.64 -22.60
C ASN E 45 37.53 11.71 -23.28
N GLU E 46 38.03 12.37 -24.30
CA GLU E 46 37.23 13.28 -25.10
C GLU E 46 36.11 12.56 -25.84
N LYS E 47 36.38 11.38 -26.47
CA LYS E 47 35.32 10.57 -27.09
C LYS E 47 34.28 10.19 -26.06
N LEU E 48 34.66 9.79 -24.83
CA LEU E 48 33.72 9.51 -23.77
C LEU E 48 32.92 10.73 -23.34
N ILE E 49 33.53 11.90 -23.18
CA ILE E 49 32.83 13.15 -22.90
C ILE E 49 31.79 13.43 -23.99
N GLU E 50 32.16 13.34 -25.26
CA GLU E 50 31.22 13.53 -26.36
C GLU E 50 30.12 12.50 -26.37
N LEU E 51 30.39 11.22 -26.07
CA LEU E 51 29.37 10.19 -25.89
C LEU E 51 28.43 10.51 -24.73
N LEU E 52 28.94 11.06 -23.64
CA LEU E 52 28.09 11.48 -22.53
C LEU E 52 27.23 12.69 -22.94
N LYS E 53 27.78 13.66 -23.67
CA LYS E 53 26.95 14.72 -24.26
C LYS E 53 25.83 14.12 -25.13
N LYS E 54 26.18 13.17 -26.01
CA LYS E 54 25.23 12.46 -26.87
C LYS E 54 24.17 11.65 -26.11
N LEU E 55 24.31 11.43 -24.79
CA LEU E 55 23.22 11.01 -23.93
C LEU E 55 22.53 12.15 -23.18
N VAL E 56 23.24 13.09 -22.58
CA VAL E 56 22.62 14.20 -21.85
C VAL E 56 21.66 14.96 -22.76
N GLU E 57 22.12 15.25 -23.97
CA GLU E 57 21.36 15.97 -24.99
C GLU E 57 20.24 15.09 -25.64
N VAL E 58 19.95 13.92 -25.08
CA VAL E 58 18.80 13.08 -25.43
C VAL E 58 17.94 12.82 -24.21
N LEU E 59 18.57 12.70 -23.03
CA LEU E 59 17.84 12.56 -21.78
C LEU E 59 16.86 13.71 -21.56
N LYS E 60 17.29 14.98 -21.78
CA LYS E 60 16.41 16.13 -21.58
C LYS E 60 15.17 16.00 -22.48
N LYS E 61 15.32 15.64 -23.76
CA LYS E 61 14.18 15.53 -24.68
C LYS E 61 13.19 14.48 -24.22
N LEU E 62 13.65 13.27 -23.86
CA LEU E 62 12.78 12.25 -23.24
C LEU E 62 12.03 12.77 -22.01
N ALA E 63 12.74 13.44 -21.09
CA ALA E 63 12.24 14.02 -19.86
C ALA E 63 11.25 15.19 -20.06
N LEU E 64 11.16 15.75 -21.28
CA LEU E 64 10.09 16.69 -21.63
C LEU E 64 8.95 15.96 -22.33
N GLU E 65 9.22 15.12 -23.31
CA GLU E 65 8.14 14.49 -24.09
C GLU E 65 7.30 13.49 -23.26
N ARG E 66 7.84 12.97 -22.16
CA ARG E 66 7.04 12.48 -21.02
C ARG E 66 7.54 13.17 -19.77
N VAL E 67 6.61 13.44 -18.85
CA VAL E 67 6.76 14.49 -17.82
C VAL E 67 7.49 14.05 -16.56
N ASP E 68 7.84 12.78 -16.40
CA ASP E 68 8.46 12.26 -15.16
C ASP E 68 9.90 12.75 -14.95
N PRO E 69 10.29 13.22 -13.74
CA PRO E 69 11.58 13.86 -13.51
C PRO E 69 12.73 12.87 -13.28
N ALA E 70 12.46 11.61 -12.93
CA ALA E 70 13.50 10.62 -12.64
C ALA E 70 14.54 10.41 -13.78
N VAL E 71 14.12 10.59 -15.05
CA VAL E 71 15.00 10.54 -16.21
C VAL E 71 16.23 11.46 -16.04
N LEU E 72 16.11 12.62 -15.37
CA LEU E 72 17.19 13.59 -15.21
C LEU E 72 18.30 13.10 -14.24
N ASP E 73 18.02 12.11 -13.42
CA ASP E 73 19.00 11.65 -12.46
C ASP E 73 20.22 11.02 -13.13
N LEU E 74 20.02 10.33 -14.25
CA LEU E 74 21.12 9.88 -15.10
C LEU E 74 21.96 11.05 -15.64
N ALA E 75 21.28 12.12 -16.05
CA ALA E 75 21.98 13.28 -16.62
C ALA E 75 22.90 13.87 -15.56
N LEU E 76 22.37 14.00 -14.34
CA LEU E 76 23.14 14.50 -13.22
C LEU E 76 24.36 13.60 -13.00
N VAL E 77 24.23 12.28 -12.90
CA VAL E 77 25.39 11.41 -12.73
C VAL E 77 26.42 11.57 -13.87
N CYS E 78 25.93 11.58 -15.13
CA CYS E 78 26.81 11.74 -16.28
C CYS E 78 27.52 13.10 -16.32
N VAL E 79 26.97 14.16 -15.72
CA VAL E 79 27.71 15.41 -15.55
C VAL E 79 28.95 15.17 -14.70
N TYR E 80 28.83 14.49 -13.57
CA TYR E 80 30.01 14.18 -12.78
C TYR E 80 30.96 13.23 -13.48
N GLU E 81 30.46 12.35 -14.34
CA GLU E 81 31.37 11.54 -15.17
C GLU E 81 32.22 12.42 -16.10
N MET E 82 31.60 13.43 -16.75
CA MET E 82 32.34 14.38 -17.59
C MET E 82 33.27 15.26 -16.74
N LYS E 83 32.93 15.54 -15.48
CA LYS E 83 33.81 16.21 -14.55
C LYS E 83 35.08 15.37 -14.33
N GLU E 84 34.91 14.09 -14.04
CA GLU E 84 36.02 13.19 -13.78
C GLU E 84 36.89 12.98 -15.01
N LEU E 85 36.31 12.85 -16.20
CA LEU E 85 37.04 12.76 -17.48
C LEU E 85 37.74 14.08 -17.87
N GLY E 86 37.39 15.19 -17.22
CA GLY E 86 38.02 16.49 -17.41
C GLY E 86 37.44 17.35 -18.54
N MET E 87 36.10 17.32 -18.75
CA MET E 87 35.46 18.36 -19.55
C MET E 87 35.70 19.75 -18.90
N PRO E 88 35.95 20.81 -19.68
CA PRO E 88 36.19 22.16 -19.17
C PRO E 88 35.08 22.71 -18.24
N ASN E 89 35.50 23.40 -17.19
CA ASN E 89 34.61 23.94 -16.15
C ASN E 89 33.53 24.86 -16.73
N GLU E 90 33.86 25.62 -17.77
CA GLU E 90 32.95 26.51 -18.49
C GLU E 90 31.82 25.74 -19.18
N GLU E 91 32.17 24.60 -19.76
CA GLU E 91 31.25 23.72 -20.43
C GLU E 91 30.39 22.92 -19.45
N LEU E 92 30.93 22.49 -18.30
CA LEU E 92 30.10 22.01 -17.19
C LEU E 92 29.08 23.09 -16.81
N ILE E 93 29.52 24.31 -16.52
CA ILE E 93 28.61 25.41 -16.20
C ILE E 93 27.57 25.59 -17.29
N LYS E 94 27.94 25.48 -18.57
CA LYS E 94 26.97 25.52 -19.68
C LYS E 94 25.93 24.40 -19.57
N LEU E 95 26.35 23.15 -19.46
CA LEU E 95 25.43 22.02 -19.36
C LEU E 95 24.54 22.13 -18.12
N LEU E 96 25.08 22.62 -16.99
CA LEU E 96 24.33 22.79 -15.79
C LEU E 96 23.29 23.87 -15.93
N LYS E 97 23.67 25.05 -16.44
CA LYS E 97 22.69 26.09 -16.76
C LYS E 97 21.58 25.52 -17.64
N GLU E 98 21.93 24.77 -18.66
CA GLU E 98 20.93 24.12 -19.49
C GLU E 98 20.01 23.18 -18.71
N LEU E 99 20.58 22.24 -17.94
CA LEU E 99 19.77 21.26 -17.20
C LEU E 99 18.83 21.93 -16.19
N VAL E 100 19.30 22.95 -15.46
CA VAL E 100 18.50 23.66 -14.47
C VAL E 100 17.19 24.17 -15.09
N GLU E 101 17.22 24.49 -16.38
CA GLU E 101 15.98 24.93 -17.01
C GLU E 101 14.95 23.82 -17.16
N VAL E 102 15.32 22.58 -17.50
CA VAL E 102 14.30 21.53 -17.57
C VAL E 102 13.71 21.20 -16.19
N LEU E 103 14.51 21.36 -15.13
CA LEU E 103 14.00 21.17 -13.77
C LEU E 103 12.86 22.14 -13.47
N ARG E 104 13.04 23.41 -13.82
CA ARG E 104 12.00 24.40 -13.66
C ARG E 104 10.72 23.95 -14.34
N ILE E 105 10.78 23.66 -15.65
CA ILE E 105 9.55 23.37 -16.41
C ILE E 105 8.86 22.12 -15.86
N LEU E 106 9.57 21.08 -15.40
CA LEU E 106 8.89 19.91 -14.76
C LEU E 106 8.33 20.23 -13.38
N ALA E 107 9.02 21.04 -12.56
CA ALA E 107 8.50 21.45 -11.28
C ALA E 107 7.13 22.12 -11.38
N LEU E 108 7.06 23.12 -12.28
CA LEU E 108 5.80 23.82 -12.59
C LEU E 108 4.76 22.85 -13.14
N ILE E 109 4.99 22.22 -14.30
CA ILE E 109 3.92 21.47 -14.95
C ILE E 109 3.48 20.19 -14.22
N ASN E 110 4.37 19.56 -13.46
CA ASN E 110 3.98 18.40 -12.64
C ASN E 110 3.41 18.82 -11.26
N VAL E 111 3.44 20.11 -10.95
CA VAL E 111 3.05 20.76 -9.69
C VAL E 111 3.64 20.08 -8.46
N ASP E 112 4.97 20.05 -8.38
CA ASP E 112 5.74 19.28 -7.41
C ASP E 112 6.97 20.04 -6.92
N PRO E 113 7.07 20.44 -5.64
CA PRO E 113 8.25 21.12 -5.12
C PRO E 113 9.43 20.19 -4.89
N ALA E 114 9.23 18.88 -4.71
CA ALA E 114 10.29 17.99 -4.26
C ALA E 114 11.44 17.84 -5.27
N VAL E 115 11.19 18.02 -6.57
CA VAL E 115 12.24 17.99 -7.59
C VAL E 115 13.17 19.18 -7.46
N LEU E 116 12.73 20.31 -6.92
CA LEU E 116 13.55 21.54 -6.90
C LEU E 116 14.82 21.43 -6.08
N ASP E 117 14.83 20.52 -5.10
CA ASP E 117 16.03 20.28 -4.29
C ASP E 117 17.23 19.95 -5.19
N LYS E 118 17.01 19.22 -6.28
CA LYS E 118 18.06 18.88 -7.24
C LYS E 118 18.61 20.15 -7.92
N ALA E 119 17.76 21.13 -8.19
CA ALA E 119 18.17 22.42 -8.68
C ALA E 119 19.01 23.18 -7.65
N LEU E 120 18.64 23.13 -6.38
CA LEU E 120 19.46 23.76 -5.36
C LEU E 120 20.85 23.14 -5.30
N VAL E 121 20.95 21.80 -5.33
CA VAL E 121 22.24 21.08 -5.37
C VAL E 121 23.07 21.51 -6.58
N CYS E 122 22.44 21.66 -7.75
CA CYS E 122 23.15 22.11 -8.95
C CYS E 122 23.60 23.57 -8.84
N VAL E 123 22.82 24.46 -8.22
CA VAL E 123 23.23 25.85 -7.96
C VAL E 123 24.48 25.88 -7.09
N TYR E 124 24.47 25.10 -6.02
CA TYR E 124 25.66 24.99 -5.22
C TYR E 124 26.84 24.33 -5.96
N LEU E 125 26.60 23.37 -6.85
CA LEU E 125 27.69 22.88 -7.69
C LEU E 125 28.26 23.96 -8.61
N MET E 126 27.44 24.84 -9.18
CA MET E 126 27.97 25.97 -9.95
C MET E 126 28.62 27.07 -9.10
N LYS E 127 28.24 27.17 -7.81
CA LYS E 127 28.96 27.95 -6.82
C LYS E 127 30.34 27.36 -6.61
N GLU E 128 30.46 26.04 -6.51
CA GLU E 128 31.77 25.36 -6.42
C GLU E 128 32.61 25.62 -7.68
N LEU E 129 32.04 25.41 -8.88
CA LEU E 129 32.75 25.54 -10.15
C LEU E 129 33.01 26.97 -10.63
N GLY E 130 32.35 27.97 -10.05
CA GLY E 130 32.68 29.38 -10.28
C GLY E 130 31.85 30.04 -11.39
N MET E 131 30.53 29.82 -11.43
CA MET E 131 29.63 30.70 -12.20
C MET E 131 29.74 32.17 -11.69
N PRO E 132 29.62 33.19 -12.57
CA PRO E 132 29.57 34.60 -12.16
C PRO E 132 28.35 34.94 -11.29
N ASN E 133 28.53 35.72 -10.22
CA ASN E 133 27.55 35.86 -9.15
C ASN E 133 26.15 36.25 -9.65
N GLU E 134 26.03 37.22 -10.55
CA GLU E 134 24.77 37.72 -11.07
C GLU E 134 23.92 36.62 -11.76
N GLU E 135 24.58 35.57 -12.24
CA GLU E 135 23.91 34.42 -12.84
C GLU E 135 23.40 33.45 -11.77
N LEU E 136 24.10 33.30 -10.63
CA LEU E 136 23.51 32.64 -9.45
C LEU E 136 22.31 33.43 -8.95
N ILE E 137 22.41 34.77 -8.82
CA ILE E 137 21.28 35.61 -8.42
C ILE E 137 20.09 35.32 -9.32
N LYS E 138 20.28 35.29 -10.64
CA LYS E 138 19.17 34.97 -11.56
C LYS E 138 18.49 33.64 -11.18
N LEU E 139 19.26 32.56 -11.16
CA LEU E 139 18.72 31.24 -10.85
C LEU E 139 18.08 31.16 -9.46
N LEU E 140 18.69 31.81 -8.46
CA LEU E 140 18.17 31.87 -7.11
C LEU E 140 16.83 32.61 -7.10
N GLU E 141 16.76 33.82 -7.67
CA GLU E 141 15.52 34.60 -7.82
C GLU E 141 14.42 33.77 -8.50
N GLU E 142 14.76 33.16 -9.63
CA GLU E 142 13.83 32.38 -10.43
C GLU E 142 13.37 31.12 -9.72
N LEU E 143 14.27 30.47 -8.99
CA LEU E 143 13.91 29.32 -8.19
C LEU E 143 13.08 29.72 -6.98
N VAL E 144 13.36 30.83 -6.29
CA VAL E 144 12.40 31.27 -5.28
C VAL E 144 11.06 31.63 -5.93
N GLU E 145 11.00 31.98 -7.22
CA GLU E 145 9.73 32.18 -7.90
C GLU E 145 8.94 30.86 -7.99
N VAL E 146 9.56 29.79 -8.45
CA VAL E 146 8.86 28.49 -8.59
C VAL E 146 8.49 27.92 -7.24
N LEU E 147 9.32 28.14 -6.22
CA LEU E 147 8.99 27.80 -4.86
C LEU E 147 7.75 28.60 -4.40
N ARG E 148 7.72 29.91 -4.64
CA ARG E 148 6.60 30.75 -4.24
C ARG E 148 5.31 30.29 -4.91
N ILE E 149 5.32 30.04 -6.23
CA ILE E 149 4.13 29.55 -6.95
C ILE E 149 3.69 28.17 -6.41
N LEU E 150 4.58 27.20 -6.23
CA LEU E 150 4.14 25.93 -5.68
C LEU E 150 3.72 26.00 -4.23
N ALA E 151 4.21 26.95 -3.41
CA ALA E 151 3.66 27.17 -2.09
C ALA E 151 2.21 27.62 -2.12
N LEU E 152 1.77 28.35 -3.16
CA LEU E 152 0.37 28.69 -3.36
C LEU E 152 -0.46 27.52 -3.90
N ILE E 153 0.03 26.75 -4.89
CA ILE E 153 -0.73 25.62 -5.44
C ILE E 153 -0.87 24.46 -4.45
N ARG E 154 0.22 24.07 -3.81
CA ARG E 154 0.30 22.99 -2.86
C ARG E 154 0.48 23.60 -1.47
N VAL E 155 -0.41 23.31 -0.52
CA VAL E 155 -0.36 23.96 0.80
C VAL E 155 0.61 23.28 1.78
N ASP E 156 1.80 23.84 1.96
CA ASP E 156 2.84 23.37 2.91
C ASP E 156 3.80 24.51 3.29
N LYS E 157 3.81 24.91 4.55
CA LYS E 157 4.64 26.04 5.02
C LYS E 157 6.15 25.89 4.74
N ARG E 158 6.69 24.67 4.73
CA ARG E 158 8.17 24.42 4.70
C ARG E 158 8.84 24.98 3.48
N VAL E 159 8.14 25.03 2.35
CA VAL E 159 8.69 25.47 1.07
C VAL E 159 9.32 26.85 1.15
N LEU E 160 8.67 27.77 1.87
CA LEU E 160 9.15 29.14 2.01
C LEU E 160 10.48 29.23 2.77
N ASP E 161 10.79 28.30 3.67
CA ASP E 161 12.07 28.33 4.39
C ASP E 161 13.23 28.06 3.44
N LYS E 162 13.10 27.13 2.50
CA LYS E 162 14.12 26.91 1.45
C LYS E 162 14.29 28.19 0.66
N ALA E 163 13.20 28.88 0.35
CA ALA E 163 13.27 30.15 -0.37
C ALA E 163 13.99 31.22 0.47
N GLU E 164 13.75 31.28 1.78
CA GLU E 164 14.49 32.17 2.66
C GLU E 164 16.00 31.86 2.67
N VAL E 165 16.38 30.58 2.74
CA VAL E 165 17.75 30.16 2.64
C VAL E 165 18.36 30.62 1.33
N CYS E 166 17.65 30.45 0.21
CA CYS E 166 18.13 30.91 -1.07
C CYS E 166 18.16 32.44 -1.23
N ILE E 167 17.35 33.21 -0.48
CA ILE E 167 17.51 34.66 -0.36
C ILE E 167 18.78 35.00 0.44
N GLU E 168 19.09 34.23 1.50
CA GLU E 168 20.35 34.38 2.18
C GLU E 168 21.55 34.05 1.31
N GLU E 169 21.45 33.16 0.30
CA GLU E 169 22.52 33.03 -0.70
C GLU E 169 22.66 34.30 -1.53
N MET E 170 21.56 34.95 -1.92
CA MET E 170 21.67 36.22 -2.66
C MET E 170 22.24 37.34 -1.79
N GLU E 171 21.90 37.36 -0.50
CA GLU E 171 22.48 38.27 0.46
C GLU E 171 23.97 37.96 0.67
N GLU E 172 24.36 36.67 0.68
CA GLU E 172 25.75 36.27 0.69
C GLU E 172 26.52 36.68 -0.58
N LEU E 173 25.88 36.67 -1.74
CA LEU E 173 26.40 37.29 -2.96
C LEU E 173 26.24 38.84 -2.95
N GLY E 174 25.69 39.45 -1.90
CA GLY E 174 25.63 40.92 -1.73
C GLY E 174 24.57 41.62 -2.60
N MET E 175 23.49 40.95 -2.99
CA MET E 175 22.45 41.56 -3.82
C MET E 175 21.70 42.71 -3.11
N PRO E 176 21.33 43.82 -3.78
CA PRO E 176 20.74 44.98 -3.12
C PRO E 176 19.49 44.69 -2.28
N GLU E 177 19.49 45.26 -1.06
CA GLU E 177 18.55 44.87 0.01
C GLU E 177 17.10 45.22 -0.33
N GLU E 178 16.89 46.18 -1.21
CA GLU E 178 15.58 46.46 -1.79
C GLU E 178 14.90 45.22 -2.41
N LYS E 179 15.65 44.40 -3.13
CA LYS E 179 15.12 43.15 -3.66
C LYS E 179 14.86 42.14 -2.56
N ILE E 180 15.76 42.04 -1.59
CA ILE E 180 15.63 41.10 -0.46
C ILE E 180 14.33 41.39 0.28
N LYS E 181 14.09 42.67 0.60
CA LYS E 181 12.89 43.09 1.33
C LYS E 181 11.62 42.83 0.51
N GLU E 182 11.60 43.14 -0.79
CA GLU E 182 10.45 42.78 -1.65
C GLU E 182 10.17 41.27 -1.63
N LEU E 183 11.19 40.44 -1.88
CA LEU E 183 11.04 38.99 -1.89
C LEU E 183 10.55 38.50 -0.53
N ARG E 184 11.08 39.02 0.58
CA ARG E 184 10.66 38.68 1.92
C ARG E 184 9.21 39.02 2.15
N GLU E 185 8.78 40.20 1.72
CA GLU E 185 7.40 40.66 1.93
C GLU E 185 6.41 39.69 1.24
N GLU E 186 6.69 39.33 -0.02
CA GLU E 186 5.87 38.39 -0.76
C GLU E 186 5.85 37.03 -0.06
N LEU E 187 6.99 36.59 0.49
CA LEU E 187 7.04 35.33 1.23
C LEU E 187 6.27 35.38 2.54
N LYS E 188 6.40 36.42 3.39
CA LYS E 188 5.60 36.46 4.62
C LYS E 188 4.09 36.65 4.32
N PHE E 189 3.74 37.32 3.23
CA PHE E 189 2.39 37.31 2.70
C PHE E 189 1.86 35.89 2.40
N VAL E 190 2.64 35.07 1.67
CA VAL E 190 2.28 33.66 1.44
C VAL E 190 2.24 32.83 2.74
N ARG E 191 3.17 33.07 3.68
CA ARG E 191 3.14 32.42 5.00
C ARG E 191 1.85 32.75 5.75
N GLU E 192 1.45 34.03 5.76
CA GLU E 192 0.21 34.48 6.41
C GLU E 192 -1.04 33.84 5.81
N ILE E 193 -1.05 33.49 4.52
CA ILE E 193 -2.11 32.69 3.91
C ILE E 193 -2.04 31.23 4.34
N LEU E 194 -0.86 30.59 4.27
CA LEU E 194 -0.69 29.22 4.75
C LEU E 194 -0.91 29.04 6.25
N ASP E 195 -0.74 30.07 7.06
CA ASP E 195 -1.06 30.08 8.50
C ASP E 195 -2.54 29.78 8.75
N LYS E 196 -3.42 30.13 7.83
CA LYS E 196 -4.85 29.85 7.92
C LYS E 196 -5.20 28.34 7.83
N ILE E 197 -4.34 27.56 7.18
CA ILE E 197 -4.70 26.27 6.58
C ILE E 197 -4.20 25.10 7.45
N MET F 1 12.69 31.34 -36.54
CA MET F 1 11.77 31.58 -35.38
C MET F 1 10.29 31.28 -35.70
N GLU F 2 9.68 32.06 -36.61
CA GLU F 2 8.22 32.12 -36.75
C GLU F 2 7.58 30.79 -37.19
N GLU F 3 8.28 30.00 -37.98
CA GLU F 3 7.88 28.66 -38.39
C GLU F 3 7.70 27.71 -37.17
N LYS F 4 8.70 27.68 -36.27
CA LYS F 4 8.58 26.90 -35.02
C LYS F 4 7.41 27.39 -34.20
N ILE F 5 7.25 28.71 -34.06
CA ILE F 5 6.11 29.28 -33.37
C ILE F 5 4.81 28.79 -33.99
N LYS F 6 4.61 28.87 -35.31
CA LYS F 6 3.41 28.40 -35.98
C LYS F 6 3.18 26.90 -35.77
N GLU F 7 4.22 26.08 -35.90
CA GLU F 7 4.17 24.63 -35.67
C GLU F 7 3.82 24.27 -34.22
N LEU F 8 4.27 25.05 -33.23
CA LEU F 8 3.88 24.92 -31.82
C LEU F 8 2.41 25.33 -31.63
N GLU F 9 1.93 26.37 -32.32
CA GLU F 9 0.49 26.71 -32.28
C GLU F 9 -0.34 25.55 -32.86
N GLU F 10 0.05 25.02 -34.01
CA GLU F 10 -0.59 23.86 -34.64
C GLU F 10 -0.58 22.67 -33.68
N LYS F 11 0.52 22.43 -32.95
CA LYS F 11 0.57 21.39 -31.92
C LYS F 11 -0.43 21.65 -30.79
N VAL F 12 -0.54 22.89 -30.30
CA VAL F 12 -1.54 23.24 -29.29
C VAL F 12 -2.96 22.93 -29.82
N GLU F 13 -3.25 23.39 -31.02
CA GLU F 13 -4.54 23.18 -31.68
C GLU F 13 -4.92 21.69 -31.75
N GLU F 14 -4.04 20.88 -32.35
CA GLU F 14 -4.33 19.46 -32.51
C GLU F 14 -4.33 18.69 -31.18
N LEU F 15 -3.49 19.09 -30.23
CA LEU F 15 -3.55 18.50 -28.89
C LEU F 15 -4.84 18.85 -28.17
N VAL F 16 -5.38 20.06 -28.33
CA VAL F 16 -6.69 20.44 -27.77
C VAL F 16 -7.78 19.60 -28.40
N LYS F 17 -7.78 19.48 -29.74
CA LYS F 17 -8.81 18.70 -30.46
C LYS F 17 -8.79 17.22 -30.06
N GLU F 18 -7.60 16.66 -29.82
CA GLU F 18 -7.44 15.29 -29.30
C GLU F 18 -7.93 15.23 -27.85
N ALA F 19 -7.49 16.16 -27.00
CA ALA F 19 -7.74 16.09 -25.55
C ALA F 19 -9.24 16.03 -25.22
N LEU F 20 -10.06 16.85 -25.87
CA LEU F 20 -11.50 16.88 -25.63
C LEU F 20 -12.22 15.57 -25.97
N GLU F 21 -11.68 14.80 -26.91
CA GLU F 21 -12.21 13.49 -27.28
C GLU F 21 -11.61 12.37 -26.40
N LYS F 22 -10.32 12.51 -26.09
CA LYS F 22 -9.52 11.55 -25.30
C LYS F 22 -9.90 11.58 -23.83
N LYS F 23 -10.32 12.75 -23.31
CA LYS F 23 -10.63 13.00 -21.90
C LYS F 23 -9.43 12.68 -21.00
N ASP F 24 -8.30 13.37 -21.15
CA ASP F 24 -7.16 13.26 -20.24
C ASP F 24 -6.27 14.51 -20.28
N PRO F 25 -5.93 15.16 -19.16
CA PRO F 25 -4.98 16.28 -19.12
C PRO F 25 -3.55 15.96 -19.59
N ALA F 26 -3.16 14.70 -19.66
CA ALA F 26 -1.82 14.32 -20.17
C ALA F 26 -1.55 14.85 -21.60
N VAL F 27 -2.60 14.90 -22.43
CA VAL F 27 -2.53 15.53 -23.75
C VAL F 27 -2.24 17.01 -23.64
N LEU F 28 -3.00 17.71 -22.79
CA LEU F 28 -2.81 19.16 -22.56
C LEU F 28 -1.48 19.53 -21.93
N LYS F 29 -0.86 18.65 -21.14
CA LYS F 29 0.47 18.90 -20.61
C LYS F 29 1.47 19.16 -21.73
N LYS F 30 1.52 18.36 -22.80
CA LYS F 30 2.40 18.63 -23.94
C LYS F 30 2.04 19.97 -24.60
N ALA F 31 0.76 20.32 -24.67
CA ALA F 31 0.36 21.63 -25.21
C ALA F 31 0.94 22.77 -24.36
N LEU F 32 0.85 22.66 -23.04
CA LEU F 32 1.45 23.65 -22.16
C LEU F 32 2.98 23.69 -22.27
N VAL F 33 3.67 22.56 -22.43
CA VAL F 33 5.11 22.54 -22.70
C VAL F 33 5.41 23.37 -23.95
N CYS F 34 4.62 23.17 -25.00
CA CYS F 34 4.77 23.91 -26.25
C CYS F 34 4.44 25.43 -26.08
N VAL F 35 3.51 25.80 -25.21
CA VAL F 35 3.29 27.21 -24.82
C VAL F 35 4.55 27.78 -24.16
N TYR F 36 5.19 27.06 -23.24
CA TYR F 36 6.43 27.53 -22.66
C TYR F 36 7.52 27.64 -23.72
N GLU F 37 7.65 26.71 -24.66
CA GLU F 37 8.63 26.86 -25.75
C GLU F 37 8.34 28.16 -26.56
N MET F 38 7.09 28.45 -26.94
CA MET F 38 6.73 29.70 -27.60
C MET F 38 7.07 30.94 -26.75
N LYS F 39 7.00 30.83 -25.40
CA LYS F 39 7.48 31.93 -24.54
C LYS F 39 8.98 32.14 -24.73
N LYS F 40 9.75 31.05 -24.69
CA LYS F 40 11.21 31.12 -24.87
C LYS F 40 11.60 31.66 -26.24
N LEU F 41 10.85 31.32 -27.28
CA LEU F 41 10.95 31.86 -28.64
C LEU F 41 10.42 33.31 -28.81
N GLY F 42 9.90 33.96 -27.77
CA GLY F 42 9.53 35.36 -27.82
C GLY F 42 8.27 35.69 -28.65
N MET F 43 7.32 34.76 -28.78
CA MET F 43 6.01 35.07 -29.33
C MET F 43 5.32 36.21 -28.55
N PRO F 44 4.44 37.03 -29.18
CA PRO F 44 3.87 38.21 -28.53
C PRO F 44 3.07 37.89 -27.25
N ASN F 45 3.28 38.67 -26.20
CA ASN F 45 2.77 38.38 -24.84
C ASN F 45 1.24 38.25 -24.82
N GLU F 46 0.54 39.08 -25.58
CA GLU F 46 -0.91 39.00 -25.78
C GLU F 46 -1.32 37.69 -26.45
N LYS F 47 -0.60 37.22 -27.48
CA LYS F 47 -0.89 35.90 -28.06
C LYS F 47 -0.73 34.80 -27.04
N LEU F 48 0.32 34.82 -26.23
CA LEU F 48 0.45 33.84 -25.14
C LEU F 48 -0.72 33.91 -24.19
N ILE F 49 -1.14 35.10 -23.78
CA ILE F 49 -2.29 35.26 -22.91
C ILE F 49 -3.55 34.63 -23.53
N GLU F 50 -3.82 34.90 -24.80
CA GLU F 50 -4.95 34.31 -25.48
C GLU F 50 -4.82 32.80 -25.62
N LEU F 51 -3.66 32.25 -25.95
CA LEU F 51 -3.44 30.81 -25.96
C LEU F 51 -3.66 30.21 -24.57
N LEU F 52 -3.22 30.86 -23.52
CA LEU F 52 -3.46 30.45 -22.14
C LEU F 52 -4.96 30.45 -21.82
N LYS F 53 -5.73 31.46 -22.26
CA LYS F 53 -7.19 31.39 -22.17
C LYS F 53 -7.72 30.17 -22.90
N LYS F 54 -7.26 29.91 -24.12
CA LYS F 54 -7.52 28.69 -24.91
C LYS F 54 -6.77 27.45 -24.42
N LEU F 55 -6.28 27.43 -23.18
CA LEU F 55 -6.07 26.20 -22.41
C LEU F 55 -6.89 26.17 -21.11
N VAL F 56 -6.97 27.27 -20.37
CA VAL F 56 -7.80 27.37 -19.16
C VAL F 56 -9.22 26.94 -19.50
N GLU F 57 -9.79 27.41 -20.60
CA GLU F 57 -11.13 27.07 -21.01
C GLU F 57 -11.29 25.58 -21.31
N VAL F 58 -10.25 24.93 -21.81
CA VAL F 58 -10.30 23.50 -22.09
C VAL F 58 -10.11 22.69 -20.81
N LEU F 59 -9.29 23.15 -19.88
CA LEU F 59 -9.11 22.52 -18.59
C LEU F 59 -10.41 22.49 -17.78
N LYS F 60 -11.19 23.58 -17.76
CA LYS F 60 -12.52 23.61 -17.15
C LYS F 60 -13.40 22.46 -17.69
N LYS F 61 -13.55 22.38 -19.03
CA LYS F 61 -14.41 21.33 -19.65
C LYS F 61 -13.91 19.95 -19.30
N LEU F 62 -12.60 19.69 -19.38
CA LEU F 62 -12.05 18.39 -19.03
C LEU F 62 -12.32 18.02 -17.58
N ALA F 63 -12.11 18.95 -16.64
CA ALA F 63 -12.35 18.72 -15.22
C ALA F 63 -13.81 18.38 -14.91
N LEU F 64 -14.76 19.07 -15.53
CA LEU F 64 -16.18 18.73 -15.39
C LEU F 64 -16.55 17.39 -16.06
N GLU F 65 -16.19 17.16 -17.32
CA GLU F 65 -16.67 16.00 -18.07
C GLU F 65 -16.09 14.67 -17.62
N ARG F 66 -14.99 14.69 -16.86
CA ARG F 66 -14.61 13.55 -16.00
C ARG F 66 -14.05 14.09 -14.67
N VAL F 67 -14.86 13.97 -13.63
CA VAL F 67 -14.66 14.64 -12.33
C VAL F 67 -13.41 14.18 -11.58
N ASP F 68 -12.42 15.06 -11.54
CA ASP F 68 -11.39 15.08 -10.47
C ASP F 68 -10.80 16.49 -10.29
N PRO F 69 -10.09 16.78 -9.17
CA PRO F 69 -9.53 18.12 -8.95
C PRO F 69 -8.28 18.42 -9.77
N ALA F 70 -7.43 17.42 -9.99
CA ALA F 70 -6.03 17.64 -10.41
C ALA F 70 -5.85 18.46 -11.69
N VAL F 71 -6.75 18.29 -12.66
CA VAL F 71 -6.75 19.02 -13.94
C VAL F 71 -6.68 20.52 -13.73
N LEU F 72 -7.29 21.04 -12.65
CA LEU F 72 -7.38 22.46 -12.40
C LEU F 72 -6.04 23.08 -11.95
N ASP F 73 -5.10 22.28 -11.46
CA ASP F 73 -3.84 22.77 -10.94
C ASP F 73 -3.04 23.44 -12.05
N LEU F 74 -3.10 22.86 -13.25
CA LEU F 74 -2.56 23.52 -14.45
C LEU F 74 -3.20 24.87 -14.70
N ALA F 75 -4.51 24.98 -14.53
CA ALA F 75 -5.19 26.25 -14.74
C ALA F 75 -4.67 27.26 -13.73
N LEU F 76 -4.52 26.88 -12.46
CA LEU F 76 -4.01 27.77 -11.44
C LEU F 76 -2.59 28.29 -11.83
N VAL F 77 -1.68 27.42 -12.25
CA VAL F 77 -0.37 27.88 -12.81
C VAL F 77 -0.52 28.88 -13.96
N CYS F 78 -1.31 28.52 -14.96
CA CYS F 78 -1.50 29.34 -16.13
C CYS F 78 -2.12 30.70 -15.81
N VAL F 79 -2.91 30.84 -14.73
CA VAL F 79 -3.34 32.17 -14.27
C VAL F 79 -2.15 33.02 -13.87
N TYR F 80 -1.19 32.49 -13.09
CA TYR F 80 -0.01 33.28 -12.76
C TYR F 80 0.86 33.56 -13.98
N GLU F 81 0.89 32.66 -14.96
CA GLU F 81 1.58 32.96 -16.23
C GLU F 81 0.95 34.16 -16.95
N MET F 82 -0.39 34.23 -16.99
CA MET F 82 -1.11 35.41 -17.52
C MET F 82 -0.87 36.65 -16.66
N LYS F 83 -0.73 36.52 -15.33
CA LYS F 83 -0.31 37.63 -14.48
C LYS F 83 1.04 38.14 -14.96
N GLU F 84 2.00 37.24 -15.10
CA GLU F 84 3.38 37.59 -15.43
C GLU F 84 3.50 38.19 -16.84
N LEU F 85 2.73 37.68 -17.82
CA LEU F 85 2.67 38.22 -19.18
C LEU F 85 1.92 39.55 -19.25
N GLY F 86 1.26 39.98 -18.17
CA GLY F 86 0.62 41.29 -18.10
C GLY F 86 -0.84 41.33 -18.54
N MET F 87 -1.59 40.24 -18.41
CA MET F 87 -3.03 40.26 -18.62
C MET F 87 -3.66 41.23 -17.60
N PRO F 88 -4.67 42.02 -17.98
CA PRO F 88 -5.24 43.01 -17.06
C PRO F 88 -5.89 42.40 -15.83
N ASN F 89 -5.80 43.09 -14.71
CA ASN F 89 -6.32 42.69 -13.39
C ASN F 89 -7.81 42.33 -13.42
N GLU F 90 -8.59 43.07 -14.21
CA GLU F 90 -10.02 42.78 -14.40
C GLU F 90 -10.23 41.36 -15.01
N GLU F 91 -9.40 40.93 -15.95
CA GLU F 91 -9.48 39.62 -16.59
C GLU F 91 -9.02 38.48 -15.65
N LEU F 92 -7.99 38.72 -14.86
CA LEU F 92 -7.60 37.80 -13.79
C LEU F 92 -8.78 37.61 -12.83
N ILE F 93 -9.34 38.70 -12.32
CA ILE F 93 -10.47 38.62 -11.42
C ILE F 93 -11.65 37.90 -12.09
N LYS F 94 -11.86 38.08 -13.41
CA LYS F 94 -12.89 37.34 -14.16
C LYS F 94 -12.64 35.83 -14.11
N LEU F 95 -11.43 35.41 -14.53
CA LEU F 95 -11.16 33.96 -14.59
C LEU F 95 -11.10 33.33 -13.20
N LEU F 96 -10.60 34.02 -12.21
CA LEU F 96 -10.59 33.55 -10.83
C LEU F 96 -11.99 33.40 -10.28
N LYS F 97 -12.89 34.36 -10.48
CA LYS F 97 -14.32 34.12 -10.19
C LYS F 97 -14.80 32.86 -10.90
N GLU F 98 -14.54 32.75 -12.18
CA GLU F 98 -15.06 31.64 -12.94
C GLU F 98 -14.54 30.26 -12.47
N LEU F 99 -13.25 30.17 -12.15
CA LEU F 99 -12.60 28.94 -11.72
C LEU F 99 -12.99 28.53 -10.28
N VAL F 100 -13.09 29.49 -9.36
CA VAL F 100 -13.70 29.22 -8.06
C VAL F 100 -15.07 28.58 -8.27
N GLU F 101 -15.86 29.11 -9.19
CA GLU F 101 -17.15 28.51 -9.55
C GLU F 101 -17.07 27.21 -10.38
N VAL F 102 -15.90 26.56 -10.49
CA VAL F 102 -15.80 25.13 -10.82
C VAL F 102 -15.24 24.28 -9.71
N LEU F 103 -14.37 24.82 -8.87
CA LEU F 103 -13.99 24.16 -7.64
C LEU F 103 -15.23 23.84 -6.81
N ARG F 104 -16.11 24.82 -6.61
CA ARG F 104 -17.31 24.73 -5.82
C ARG F 104 -18.16 23.53 -6.24
N ILE F 105 -18.50 23.39 -7.53
CA ILE F 105 -19.35 22.26 -7.97
C ILE F 105 -18.60 20.95 -7.85
N LEU F 106 -17.31 20.89 -8.16
CA LEU F 106 -16.58 19.63 -8.11
C LEU F 106 -16.34 19.13 -6.65
N ALA F 107 -16.15 20.05 -5.72
CA ALA F 107 -16.01 19.73 -4.31
C ALA F 107 -17.26 19.03 -3.75
N LEU F 108 -18.43 19.57 -4.07
CA LEU F 108 -19.71 18.95 -3.75
C LEU F 108 -19.82 17.58 -4.41
N ILE F 109 -19.84 17.50 -5.73
CA ILE F 109 -20.23 16.25 -6.40
C ILE F 109 -19.26 15.09 -6.15
N ASN F 110 -17.95 15.35 -5.98
CA ASN F 110 -16.98 14.30 -5.64
C ASN F 110 -16.94 13.97 -4.15
N VAL F 111 -17.65 14.72 -3.32
CA VAL F 111 -17.62 14.74 -1.84
C VAL F 111 -16.18 14.71 -1.32
N ASP F 112 -15.49 15.85 -1.38
CA ASP F 112 -14.14 16.00 -0.84
C ASP F 112 -13.85 17.43 -0.34
N PRO F 113 -13.52 17.66 0.94
CA PRO F 113 -13.22 18.99 1.41
C PRO F 113 -11.84 19.49 1.01
N ALA F 114 -10.87 18.62 0.74
CA ALA F 114 -9.48 19.01 0.56
C ALA F 114 -9.30 20.01 -0.58
N VAL F 115 -10.07 19.88 -1.67
CA VAL F 115 -10.00 20.78 -2.82
C VAL F 115 -10.36 22.22 -2.45
N LEU F 116 -11.24 22.40 -1.47
CA LEU F 116 -11.69 23.75 -1.08
C LEU F 116 -10.56 24.67 -0.65
N ASP F 117 -9.44 24.11 -0.16
CA ASP F 117 -8.30 24.93 0.23
C ASP F 117 -7.79 25.77 -0.94
N LYS F 118 -7.80 25.18 -2.15
CA LYS F 118 -7.40 25.89 -3.38
C LYS F 118 -8.32 27.07 -3.65
N ALA F 119 -9.61 26.93 -3.35
CA ALA F 119 -10.56 28.03 -3.51
C ALA F 119 -10.22 29.15 -2.51
N LEU F 120 -9.91 28.80 -1.26
CA LEU F 120 -9.48 29.84 -0.30
C LEU F 120 -8.22 30.58 -0.76
N VAL F 121 -7.22 29.86 -1.31
CA VAL F 121 -6.03 30.50 -1.89
C VAL F 121 -6.42 31.50 -2.96
N CYS F 122 -7.30 31.11 -3.86
CA CYS F 122 -7.81 31.98 -4.91
C CYS F 122 -8.62 33.18 -4.36
N VAL F 123 -9.36 33.01 -3.27
CA VAL F 123 -10.05 34.12 -2.59
C VAL F 123 -9.03 35.12 -2.09
N TYR F 124 -8.00 34.69 -1.39
CA TYR F 124 -6.97 35.62 -0.94
C TYR F 124 -6.17 36.23 -2.10
N LEU F 125 -6.02 35.53 -3.23
CA LEU F 125 -5.45 36.15 -4.42
C LEU F 125 -6.35 37.26 -4.98
N MET F 126 -7.66 37.07 -5.03
CA MET F 126 -8.56 38.13 -5.46
C MET F 126 -8.61 39.26 -4.40
N LYS F 127 -8.41 38.97 -3.12
CA LYS F 127 -8.17 40.00 -2.10
C LYS F 127 -6.92 40.83 -2.43
N GLU F 128 -5.81 40.18 -2.81
CA GLU F 128 -4.56 40.82 -3.21
C GLU F 128 -4.77 41.72 -4.45
N LEU F 129 -5.46 41.18 -5.48
CA LEU F 129 -5.69 41.90 -6.74
C LEU F 129 -6.85 42.90 -6.69
N GLY F 130 -7.64 42.94 -5.62
CA GLY F 130 -8.64 43.97 -5.38
C GLY F 130 -10.05 43.68 -5.94
N MET F 131 -10.59 42.49 -5.69
CA MET F 131 -12.03 42.22 -5.81
C MET F 131 -12.86 43.13 -4.85
N PRO F 132 -14.09 43.56 -5.23
CA PRO F 132 -14.95 44.32 -4.33
C PRO F 132 -15.36 43.53 -3.09
N ASN F 133 -15.55 44.21 -1.96
CA ASN F 133 -15.76 43.60 -0.63
C ASN F 133 -16.96 42.64 -0.59
N GLU F 134 -18.06 43.06 -1.23
CA GLU F 134 -19.29 42.25 -1.29
C GLU F 134 -19.08 40.94 -2.05
N GLU F 135 -18.29 40.99 -3.12
CA GLU F 135 -18.06 39.82 -3.98
C GLU F 135 -17.13 38.83 -3.27
N LEU F 136 -16.12 39.29 -2.54
CA LEU F 136 -15.34 38.46 -1.63
C LEU F 136 -16.25 37.80 -0.59
N ILE F 137 -17.14 38.58 0.05
CA ILE F 137 -18.11 38.03 1.01
C ILE F 137 -18.98 36.97 0.34
N LYS F 138 -19.40 37.17 -0.90
CA LYS F 138 -20.23 36.21 -1.62
C LYS F 138 -19.53 34.85 -1.73
N LEU F 139 -18.29 34.81 -2.20
CA LEU F 139 -17.56 33.56 -2.29
C LEU F 139 -17.25 32.98 -0.90
N LEU F 140 -17.00 33.81 0.11
CA LEU F 140 -16.79 33.34 1.47
C LEU F 140 -18.08 32.73 2.06
N GLU F 141 -19.25 33.30 1.83
CA GLU F 141 -20.51 32.66 2.21
C GLU F 141 -20.66 31.31 1.52
N GLU F 142 -20.47 31.26 0.19
CA GLU F 142 -20.60 30.03 -0.58
C GLU F 142 -19.66 28.94 -0.07
N LEU F 143 -18.39 29.27 0.15
CA LEU F 143 -17.43 28.27 0.58
C LEU F 143 -17.65 27.88 2.04
N VAL F 144 -18.10 28.80 2.90
CA VAL F 144 -18.66 28.41 4.19
C VAL F 144 -19.81 27.41 4.00
N GLU F 145 -20.67 27.58 3.01
CA GLU F 145 -21.74 26.61 2.75
C GLU F 145 -21.20 25.23 2.36
N VAL F 146 -20.34 25.13 1.36
CA VAL F 146 -19.80 23.81 0.97
C VAL F 146 -18.98 23.15 2.07
N LEU F 147 -18.28 23.95 2.89
CA LEU F 147 -17.66 23.40 4.10
C LEU F 147 -18.72 22.87 5.06
N ARG F 148 -19.80 23.61 5.33
CA ARG F 148 -20.86 23.15 6.24
C ARG F 148 -21.42 21.83 5.74
N ILE F 149 -21.76 21.74 4.45
CA ILE F 149 -22.33 20.53 3.88
C ILE F 149 -21.35 19.35 4.02
N LEU F 150 -20.08 19.46 3.61
CA LEU F 150 -19.15 18.35 3.76
C LEU F 150 -18.87 17.98 5.21
N ALA F 151 -18.91 18.94 6.15
CA ALA F 151 -18.87 18.63 7.57
C ALA F 151 -20.06 17.79 8.04
N LEU F 152 -21.24 17.90 7.41
CA LEU F 152 -22.35 16.99 7.67
C LEU F 152 -22.24 15.68 6.90
N ILE F 153 -21.87 15.69 5.62
CA ILE F 153 -21.79 14.45 4.81
C ILE F 153 -20.69 13.50 5.31
N ARG F 154 -19.56 14.00 5.85
CA ARG F 154 -18.59 13.15 6.53
C ARG F 154 -18.13 13.76 7.85
N VAL F 155 -17.86 12.87 8.81
CA VAL F 155 -17.45 13.27 10.16
C VAL F 155 -15.96 13.65 10.19
N ASP F 156 -15.66 14.93 10.32
CA ASP F 156 -14.31 15.44 10.67
C ASP F 156 -14.42 16.88 11.21
N LYS F 157 -14.13 17.05 12.52
CA LYS F 157 -14.37 18.32 13.21
C LYS F 157 -13.62 19.51 12.61
N ARG F 158 -12.47 19.30 11.99
CA ARG F 158 -11.56 20.37 11.55
C ARG F 158 -12.18 21.25 10.48
N VAL F 159 -13.06 20.71 9.66
CA VAL F 159 -13.63 21.43 8.52
C VAL F 159 -14.35 22.72 8.99
N LEU F 160 -15.07 22.64 10.10
CA LEU F 160 -15.79 23.78 10.66
C LEU F 160 -14.84 24.90 11.15
N ASP F 161 -13.64 24.56 11.62
CA ASP F 161 -12.69 25.59 12.06
C ASP F 161 -12.24 26.45 10.88
N LYS F 162 -11.98 25.84 9.71
CA LYS F 162 -11.65 26.60 8.49
C LYS F 162 -12.78 27.49 8.10
N ALA F 163 -14.02 27.02 8.19
CA ALA F 163 -15.20 27.85 7.96
C ALA F 163 -15.25 29.03 8.95
N GLU F 164 -15.05 28.78 10.24
CA GLU F 164 -14.99 29.84 11.26
C GLU F 164 -13.95 30.91 10.94
N VAL F 165 -12.76 30.48 10.50
CA VAL F 165 -11.70 31.37 10.04
C VAL F 165 -12.21 32.24 8.89
N CYS F 166 -12.85 31.63 7.89
CA CYS F 166 -13.44 32.40 6.79
C CYS F 166 -14.59 33.33 7.20
N ILE F 167 -15.38 32.98 8.22
CA ILE F 167 -16.36 33.92 8.79
C ILE F 167 -15.63 35.09 9.41
N GLU F 168 -14.56 34.87 10.15
CA GLU F 168 -13.73 35.97 10.65
C GLU F 168 -13.07 36.80 9.54
N GLU F 169 -12.84 36.27 8.35
CA GLU F 169 -12.47 37.13 7.17
C GLU F 169 -13.65 38.01 6.71
N MET F 170 -14.87 37.51 6.71
CA MET F 170 -16.02 38.34 6.40
C MET F 170 -16.25 39.39 7.49
N GLU F 171 -15.98 39.08 8.76
CA GLU F 171 -15.96 40.05 9.85
C GLU F 171 -14.92 41.15 9.61
N GLU F 172 -13.68 40.76 9.27
CA GLU F 172 -12.62 41.69 8.88
C GLU F 172 -13.04 42.54 7.69
N LEU F 173 -13.82 41.98 6.76
CA LEU F 173 -14.36 42.66 5.60
C LEU F 173 -15.68 43.41 5.86
N GLY F 174 -16.13 43.47 7.12
CA GLY F 174 -17.25 44.32 7.53
C GLY F 174 -18.65 43.74 7.26
N MET F 175 -18.81 42.43 7.15
CA MET F 175 -20.12 41.77 7.12
C MET F 175 -20.96 42.11 8.37
N PRO F 176 -22.28 42.33 8.27
CA PRO F 176 -23.15 42.56 9.41
C PRO F 176 -23.14 41.45 10.47
N GLU F 177 -23.07 41.84 11.73
CA GLU F 177 -22.86 40.94 12.87
C GLU F 177 -24.03 39.99 13.15
N GLU F 178 -25.26 40.38 12.78
CA GLU F 178 -26.43 39.52 12.78
C GLU F 178 -26.25 38.30 11.87
N LYS F 179 -25.75 38.50 10.65
CA LYS F 179 -25.47 37.41 9.70
C LYS F 179 -24.33 36.55 10.21
N ILE F 180 -23.30 37.16 10.83
CA ILE F 180 -22.19 36.41 11.44
C ILE F 180 -22.72 35.46 12.51
N LYS F 181 -23.61 35.94 13.38
CA LYS F 181 -24.15 35.08 14.45
C LYS F 181 -25.07 34.01 13.88
N GLU F 182 -25.88 34.27 12.85
CA GLU F 182 -26.63 33.19 12.18
C GLU F 182 -25.70 32.08 11.67
N LEU F 183 -24.67 32.46 10.91
CA LEU F 183 -23.72 31.50 10.38
C LEU F 183 -23.00 30.74 11.49
N ARG F 184 -22.53 31.41 12.54
CA ARG F 184 -21.89 30.78 13.67
C ARG F 184 -22.79 29.74 14.30
N GLU F 185 -24.04 30.09 14.60
CA GLU F 185 -24.97 29.17 15.25
C GLU F 185 -25.13 27.88 14.45
N GLU F 186 -25.25 27.99 13.12
CA GLU F 186 -25.26 26.81 12.25
C GLU F 186 -24.01 25.97 12.42
N LEU F 187 -22.82 26.57 12.36
CA LEU F 187 -21.58 25.79 12.49
C LEU F 187 -21.42 25.16 13.87
N LYS F 188 -21.80 25.85 14.93
CA LYS F 188 -21.76 25.30 16.30
C LYS F 188 -22.77 24.17 16.49
N PHE F 189 -23.93 24.26 15.83
CA PHE F 189 -24.88 23.15 15.74
C PHE F 189 -24.25 21.93 15.07
N VAL F 190 -23.53 22.10 13.94
CA VAL F 190 -22.87 20.96 13.30
C VAL F 190 -21.76 20.42 14.18
N ARG F 191 -21.00 21.25 14.89
CA ARG F 191 -20.00 20.79 15.87
C ARG F 191 -20.67 20.00 17.01
N GLU F 192 -21.79 20.45 17.56
CA GLU F 192 -22.51 19.70 18.59
C GLU F 192 -22.99 18.33 18.10
N ILE F 193 -23.27 18.19 16.81
CA ILE F 193 -23.55 16.89 16.20
C ILE F 193 -22.29 16.07 16.09
N LEU F 194 -21.17 16.62 15.62
CA LEU F 194 -19.91 15.91 15.53
C LEU F 194 -19.30 15.57 16.91
N ASP F 195 -19.64 16.30 17.98
CA ASP F 195 -19.21 16.01 19.36
C ASP F 195 -19.69 14.65 19.83
N LYS F 196 -20.82 14.17 19.30
CA LYS F 196 -21.39 12.84 19.63
C LYS F 196 -20.45 11.68 19.18
N ILE F 197 -19.65 11.91 18.13
CA ILE F 197 -19.05 10.87 17.29
C ILE F 197 -17.62 10.55 17.69
#